data_5YD4
#
_entry.id   5YD4
#
_cell.length_a   80.470
_cell.length_b   72.900
_cell.length_c   86.460
_cell.angle_alpha   90.00
_cell.angle_beta   114.15
_cell.angle_gamma   90.00
#
_symmetry.space_group_name_H-M   'P 1 21 1'
#
loop_
_entity.id
_entity.type
_entity.pdbx_description
1 polymer 'scFv 4B08'
2 polymer 'Epitope peptide (mutation T6A)'
3 non-polymer 'SULFATE ION'
4 water water
#
loop_
_entity_poly.entity_id
_entity_poly.type
_entity_poly.pdbx_seq_one_letter_code
_entity_poly.pdbx_strand_id
1 'polypeptide(L)'
;EVQLQQSGAELVRPGTSVKMSCKAAGYTFTKYWIGWVKQRPGHGLEWIGDIHPGSFYSNYNEKFKGKATLTADTSSSTAY
MQLSSLTSEDSAIYYCARDYYTNYGDWGQGTSVTVSSAGGGGSGGGGSGGGGSGGGGSDIVMTQAAPSVSVTPGESVSIS
CRSSKSLLHRNGNTYLFWFLQRPGQSPQLLIYRMSNLASGVPDRFSGSGSGTAFTLRISRVEAEDVGVYYCMQHLEYPYT
FGSGTKLELKV
;
A,C,E,G
2 'polypeptide(L)' DINYYASEP B,D,F,H
#
loop_
_chem_comp.id
_chem_comp.type
_chem_comp.name
_chem_comp.formula
SO4 non-polymer 'SULFATE ION' 'O4 S -2'
#
# COMPACT_ATOMS: atom_id res chain seq x y z
N GLU A 1 9.21 28.54 7.02
CA GLU A 1 9.53 27.75 8.23
C GLU A 1 10.90 27.09 8.07
N VAL A 2 11.54 26.81 9.18
CA VAL A 2 12.79 26.13 9.18
C VAL A 2 12.51 24.67 8.82
N GLN A 3 13.35 24.15 7.94
CA GLN A 3 13.31 22.74 7.60
C GLN A 3 14.72 22.17 7.62
N LEU A 4 14.81 20.95 8.20
CA LEU A 4 16.02 20.17 8.19
C LEU A 4 15.62 18.82 7.62
N GLN A 5 16.19 18.49 6.45
CA GLN A 5 15.75 17.33 5.69
C GLN A 5 16.94 16.40 5.50
N GLN A 6 16.89 15.27 6.21
CA GLN A 6 18.02 14.35 6.26
C GLN A 6 17.95 13.28 5.20
N SER A 7 19.10 12.72 4.91
CA SER A 7 19.23 11.67 3.91
C SER A 7 18.71 10.35 4.44
N GLY A 8 18.52 9.41 3.53
CA GLY A 8 17.79 8.18 3.82
C GLY A 8 18.50 7.12 4.65
N ALA A 9 17.72 6.14 5.07
CA ALA A 9 18.24 5.04 5.87
C ALA A 9 19.35 4.32 5.17
N GLU A 10 20.32 3.87 5.97
CA GLU A 10 21.50 3.19 5.51
C GLU A 10 21.58 1.85 6.15
N LEU A 11 21.82 0.83 5.34
CA LEU A 11 22.13 -0.51 5.82
C LEU A 11 23.54 -0.81 5.42
N VAL A 12 24.43 -0.96 6.41
CA VAL A 12 25.86 -0.99 6.16
C VAL A 12 26.52 -2.12 6.91
N ARG A 13 27.73 -2.45 6.53
CA ARG A 13 28.44 -3.56 7.15
C ARG A 13 29.52 -3.06 8.12
N PRO A 14 29.90 -3.88 9.08
CA PRO A 14 30.95 -3.44 10.00
C PRO A 14 32.26 -3.12 9.29
N GLY A 15 32.98 -2.14 9.81
CA GLY A 15 34.28 -1.81 9.33
C GLY A 15 34.30 -0.84 8.20
N THR A 16 33.14 -0.37 7.81
CA THR A 16 33.01 0.60 6.73
C THR A 16 32.78 2.00 7.28
N SER A 17 32.65 2.96 6.37
CA SER A 17 32.24 4.32 6.75
C SER A 17 30.90 4.63 6.11
N VAL A 18 30.19 5.60 6.68
CA VAL A 18 29.00 6.13 6.07
C VAL A 18 28.97 7.64 6.25
N LYS A 19 28.44 8.34 5.27
CA LYS A 19 28.29 9.79 5.31
C LYS A 19 26.85 10.16 5.04
N MET A 20 26.23 10.87 5.97
CA MET A 20 24.82 11.25 5.90
C MET A 20 24.72 12.78 5.82
N SER A 21 23.59 13.23 5.32
CA SER A 21 23.42 14.67 5.09
C SER A 21 22.16 15.22 5.76
N CYS A 22 22.20 16.54 5.96
CA CYS A 22 21.16 17.29 6.62
C CYS A 22 21.02 18.61 5.84
N LYS A 23 20.02 18.69 4.96
CA LYS A 23 19.80 19.84 4.10
C LYS A 23 18.91 20.82 4.85
N ALA A 24 19.42 22.05 5.01
CA ALA A 24 18.74 23.08 5.73
C ALA A 24 18.04 24.06 4.78
N ALA A 25 16.93 24.57 5.23
CA ALA A 25 16.20 25.60 4.49
C ALA A 25 15.39 26.45 5.47
N GLY A 26 15.03 27.64 5.01
CA GLY A 26 14.13 28.52 5.77
C GLY A 26 14.72 29.44 6.79
N TYR A 27 16.04 29.53 6.76
CA TYR A 27 16.78 30.40 7.66
C TYR A 27 18.17 30.59 7.09
N THR A 28 18.98 31.50 7.68
CA THR A 28 20.34 31.73 7.21
C THR A 28 21.30 30.66 7.74
N PHE A 29 21.68 29.74 6.83
CA PHE A 29 22.46 28.55 7.18
C PHE A 29 23.72 28.89 7.94
N THR A 30 24.39 29.97 7.55
CA THR A 30 25.71 30.26 8.15
C THR A 30 25.62 31.00 9.48
N LYS A 31 24.42 31.21 10.00
CA LYS A 31 24.24 32.00 11.21
C LYS A 31 24.14 31.14 12.48
N TYR A 32 23.76 29.86 12.35
CA TYR A 32 23.44 29.04 13.53
C TYR A 32 24.23 27.75 13.54
N TRP A 33 24.58 27.33 14.75
CA TRP A 33 25.13 26.01 14.94
C TRP A 33 24.12 24.90 14.61
N ILE A 34 24.66 23.81 14.08
CA ILE A 34 23.90 22.55 13.91
CA ILE A 34 23.92 22.55 13.90
C ILE A 34 24.57 21.48 14.78
N GLY A 35 23.73 20.89 15.63
CA GLY A 35 24.14 19.78 16.48
C GLY A 35 23.69 18.46 15.92
N TRP A 36 24.39 17.41 16.36
CA TRP A 36 24.06 16.07 15.95
C TRP A 36 23.87 15.19 17.17
N VAL A 37 22.83 14.35 17.13
CA VAL A 37 22.33 13.56 18.28
C VAL A 37 22.10 12.14 17.83
N LYS A 38 22.55 11.19 18.66
CA LYS A 38 22.44 9.77 18.40
C LYS A 38 21.37 9.19 19.31
N GLN A 39 20.40 8.45 18.71
CA GLN A 39 19.34 7.75 19.41
C GLN A 39 19.51 6.23 19.17
N ARG A 40 20.01 5.53 20.17
CA ARG A 40 20.34 4.14 20.06
C ARG A 40 19.43 3.46 21.06
N PRO A 41 18.80 2.34 20.65
CA PRO A 41 17.91 1.69 21.60
C PRO A 41 18.59 1.31 22.93
N GLY A 42 17.93 1.62 24.04
CA GLY A 42 18.48 1.40 25.37
C GLY A 42 19.43 2.47 25.88
N HIS A 43 19.76 3.44 25.01
CA HIS A 43 20.76 4.43 25.33
C HIS A 43 20.25 5.86 25.09
N GLY A 44 18.95 6.02 25.11
CA GLY A 44 18.39 7.35 25.16
C GLY A 44 18.84 8.21 23.98
N LEU A 45 19.27 9.44 24.31
CA LEU A 45 19.84 10.40 23.37
C LEU A 45 21.22 10.76 23.83
N GLU A 46 22.14 10.90 22.88
CA GLU A 46 23.54 11.18 23.16
C GLU A 46 24.01 12.24 22.17
N TRP A 47 24.69 13.26 22.67
CA TRP A 47 25.13 14.39 21.85
C TRP A 47 26.49 14.13 21.27
N ILE A 48 26.62 14.26 19.95
CA ILE A 48 27.85 13.96 19.22
C ILE A 48 28.80 15.14 19.11
N GLY A 49 28.23 16.27 18.70
CA GLY A 49 29.03 17.45 18.40
C GLY A 49 28.20 18.47 17.69
N ASP A 50 28.81 19.62 17.42
CA ASP A 50 28.16 20.66 16.64
C ASP A 50 29.13 21.34 15.71
N ILE A 51 28.57 22.05 14.75
CA ILE A 51 29.34 22.75 13.74
C ILE A 51 28.67 24.06 13.42
N HIS A 52 29.51 25.06 13.17
CA HIS A 52 29.03 26.36 12.75
C HIS A 52 29.32 26.52 11.27
N PRO A 53 28.28 26.56 10.42
CA PRO A 53 28.62 26.56 8.99
C PRO A 53 29.25 27.86 8.49
N GLY A 54 29.18 28.93 9.27
CA GLY A 54 29.85 30.17 8.93
C GLY A 54 31.36 30.06 9.08
N SER A 55 31.85 29.59 10.22
CA SER A 55 33.26 29.43 10.49
C SER A 55 33.84 28.07 10.13
N PHE A 56 32.94 27.08 9.91
CA PHE A 56 33.32 25.67 9.73
C PHE A 56 33.94 25.03 10.95
N TYR A 57 33.89 25.72 12.09
CA TYR A 57 34.45 25.18 13.33
C TYR A 57 33.49 24.17 13.91
N SER A 58 34.08 23.08 14.33
CA SER A 58 33.32 22.00 14.95
CA SER A 58 33.31 22.03 14.97
C SER A 58 33.82 21.71 16.36
N ASN A 59 32.90 21.31 17.23
CA ASN A 59 33.16 20.86 18.61
C ASN A 59 32.60 19.48 18.77
N TYR A 60 33.36 18.59 19.41
CA TYR A 60 32.95 17.19 19.51
C TYR A 60 32.87 16.80 20.96
N ASN A 61 31.91 15.95 21.28
CA ASN A 61 31.99 15.10 22.47
C ASN A 61 33.24 14.26 22.33
N GLU A 62 34.11 14.29 23.33
CA GLU A 62 35.30 13.47 23.31
C GLU A 62 35.05 12.04 22.94
N LYS A 63 33.88 11.51 23.32
CA LYS A 63 33.54 10.11 23.02
CA LYS A 63 33.52 10.11 23.02
C LYS A 63 33.47 9.81 21.51
N PHE A 64 33.33 10.85 20.69
CA PHE A 64 33.20 10.73 19.25
C PHE A 64 34.38 11.26 18.47
N LYS A 65 35.45 11.70 19.17
CA LYS A 65 36.64 12.21 18.49
C LYS A 65 37.43 11.03 17.93
N GLY A 66 37.40 10.93 16.62
CA GLY A 66 37.90 9.74 15.89
C GLY A 66 36.85 8.79 15.40
N LYS A 67 35.59 9.10 15.62
CA LYS A 67 34.45 8.31 15.15
C LYS A 67 33.65 9.14 14.16
N ALA A 68 33.27 10.35 14.57
CA ALA A 68 32.41 11.24 13.76
C ALA A 68 33.17 12.43 13.24
N THR A 69 32.87 12.84 12.00
CA THR A 69 33.41 14.03 11.40
C THR A 69 32.29 14.86 10.87
N LEU A 70 32.18 16.11 11.32
CA LEU A 70 31.17 17.06 10.90
C LEU A 70 31.74 18.00 9.86
N THR A 71 31.02 18.19 8.77
CA THR A 71 31.36 19.18 7.75
C THR A 71 30.10 19.92 7.31
N ALA A 72 30.31 20.99 6.53
CA ALA A 72 29.22 21.71 5.98
C ALA A 72 29.59 22.24 4.60
N ASP A 73 28.57 22.34 3.75
CA ASP A 73 28.70 22.89 2.39
CA ASP A 73 28.74 22.92 2.43
C ASP A 73 27.77 24.10 2.32
N THR A 74 28.34 25.28 2.23
CA THR A 74 27.48 26.46 2.20
C THR A 74 26.79 26.67 0.83
N SER A 75 27.25 26.02 -0.24
CA SER A 75 26.60 26.14 -1.55
C SER A 75 25.25 25.47 -1.59
N SER A 76 25.14 24.33 -0.92
CA SER A 76 23.91 23.58 -0.93
C SER A 76 23.19 23.68 0.43
N SER A 77 23.71 24.50 1.35
CA SER A 77 23.15 24.59 2.73
C SER A 77 22.96 23.22 3.36
N THR A 78 24.01 22.43 3.30
CA THR A 78 23.95 21.07 3.80
C THR A 78 25.05 20.82 4.81
N ALA A 79 24.63 20.19 5.92
CA ALA A 79 25.57 19.70 6.94
C ALA A 79 25.72 18.21 6.76
N TYR A 80 26.90 17.68 7.01
CA TYR A 80 27.19 16.25 6.83
C TYR A 80 27.81 15.69 8.08
N MET A 81 27.58 14.40 8.32
CA MET A 81 28.30 13.65 9.33
C MET A 81 28.76 12.35 8.76
N GLN A 82 30.06 12.09 8.92
CA GLN A 82 30.65 10.84 8.48
C GLN A 82 31.07 10.04 9.71
N LEU A 83 30.77 8.76 9.73
CA LEU A 83 31.14 7.82 10.80
C LEU A 83 32.09 6.83 10.19
N SER A 84 33.19 6.59 10.89
CA SER A 84 34.17 5.58 10.45
C SER A 84 34.14 4.34 11.32
N SER A 85 34.79 3.28 10.82
CA SER A 85 34.95 2.02 11.58
C SER A 85 33.65 1.58 12.18
N LEU A 86 32.62 1.35 11.33
CA LEU A 86 31.33 1.11 11.87
C LEU A 86 31.26 -0.21 12.63
N THR A 87 30.53 -0.20 13.74
CA THR A 87 30.33 -1.35 14.57
C THR A 87 28.86 -1.41 14.95
N SER A 88 28.48 -2.50 15.63
CA SER A 88 27.09 -2.63 16.10
C SER A 88 26.65 -1.48 16.98
N GLU A 89 27.60 -0.89 17.71
CA GLU A 89 27.39 0.22 18.63
CA GLU A 89 27.22 0.17 18.62
C GLU A 89 26.90 1.47 17.89
N ASP A 90 27.20 1.51 16.59
CA ASP A 90 26.81 2.65 15.75
C ASP A 90 25.42 2.53 15.14
N SER A 91 24.76 1.38 15.29
N SER A 91 24.77 1.40 15.33
CA SER A 91 23.37 1.23 14.79
CA SER A 91 23.48 1.16 14.74
C SER A 91 22.51 2.12 15.64
C SER A 91 22.42 1.97 15.56
N ALA A 92 21.86 3.03 14.98
CA ALA A 92 21.14 4.11 15.70
C ALA A 92 20.42 4.98 14.69
N ILE A 93 19.56 5.87 15.19
CA ILE A 93 19.01 6.96 14.40
C ILE A 93 19.80 8.18 14.79
N TYR A 94 20.23 8.95 13.79
CA TYR A 94 21.03 10.16 13.96
C TYR A 94 20.27 11.39 13.48
N TYR A 95 20.15 12.41 14.35
CA TYR A 95 19.43 13.64 14.05
C TYR A 95 20.39 14.79 13.92
N CYS A 96 20.09 15.70 13.01
CA CYS A 96 20.63 17.04 13.08
C CYS A 96 19.58 17.96 13.69
N ALA A 97 20.04 19.03 14.34
CA ALA A 97 19.14 20.01 14.97
C ALA A 97 19.78 21.39 14.92
N ARG A 98 18.96 22.38 14.64
CA ARG A 98 19.45 23.75 14.63
C ARG A 98 19.42 24.32 16.05
N ASP A 99 20.56 24.91 16.46
CA ASP A 99 20.72 25.57 17.78
C ASP A 99 20.31 27.04 17.62
N TYR A 100 19.16 27.39 18.18
CA TYR A 100 18.68 28.76 18.14
C TYR A 100 18.89 29.37 19.53
N TYR A 101 20.02 30.05 19.73
CA TYR A 101 20.30 30.70 21.03
C TYR A 101 20.21 29.72 22.20
N THR A 102 20.77 28.53 21.96
CA THR A 102 20.83 27.36 22.87
C THR A 102 19.64 26.43 22.80
N ASN A 103 18.59 26.83 22.07
CA ASN A 103 17.41 25.98 21.94
C ASN A 103 17.51 25.05 20.74
N TYR A 104 17.50 23.74 20.96
CA TYR A 104 17.38 22.80 19.82
C TYR A 104 15.89 22.70 19.51
N GLY A 105 15.35 23.70 18.79
CA GLY A 105 13.95 23.78 18.49
C GLY A 105 13.58 23.20 17.15
N ASP A 106 14.52 23.01 16.25
CA ASP A 106 14.24 22.47 14.91
C ASP A 106 15.10 21.23 14.74
N TRP A 107 14.43 20.11 14.41
CA TRP A 107 15.10 18.84 14.26
C TRP A 107 14.84 18.28 12.87
N GLY A 108 15.84 17.61 12.32
CA GLY A 108 15.62 16.74 11.15
C GLY A 108 14.76 15.56 11.52
N GLN A 109 14.37 14.78 10.51
CA GLN A 109 13.54 13.62 10.74
C GLN A 109 14.36 12.40 11.16
N GLY A 110 15.67 12.50 11.11
CA GLY A 110 16.57 11.41 11.48
C GLY A 110 17.00 10.58 10.29
N THR A 111 18.20 10.04 10.39
CA THR A 111 18.71 9.02 9.48
C THR A 111 19.01 7.76 10.28
N SER A 112 18.39 6.65 9.91
CA SER A 112 18.65 5.37 10.54
C SER A 112 19.85 4.75 9.90
N VAL A 113 20.81 4.32 10.71
CA VAL A 113 21.96 3.54 10.26
C VAL A 113 21.84 2.19 10.92
N THR A 114 21.75 1.13 10.11
CA THR A 114 21.74 -0.24 10.62
C THR A 114 23.06 -0.87 10.22
N VAL A 115 23.86 -1.29 11.20
CA VAL A 115 25.11 -2.00 10.97
C VAL A 115 24.81 -3.47 11.16
N SER A 116 24.94 -4.23 10.09
CA SER A 116 24.53 -5.66 10.11
C SER A 116 25.47 -6.50 11.01
N GLY A 136 33.17 11.20 30.07
CA GLY A 136 34.11 12.15 30.66
C GLY A 136 33.81 12.38 32.13
N GLY A 137 34.85 12.32 32.96
CA GLY A 137 34.71 12.51 34.39
C GLY A 137 34.12 13.84 34.81
N SER A 138 34.42 14.89 34.07
CA SER A 138 33.89 16.22 34.41
C SER A 138 32.60 16.49 33.64
N ASP A 139 32.09 15.52 32.86
CA ASP A 139 30.86 15.79 32.11
C ASP A 139 29.71 15.94 33.07
N ILE A 140 28.74 16.76 32.72
CA ILE A 140 27.57 16.95 33.58
C ILE A 140 26.67 15.73 33.42
N VAL A 141 26.33 15.05 34.51
CA VAL A 141 25.48 13.85 34.45
C VAL A 141 24.05 14.26 34.75
N MET A 142 23.15 13.94 33.82
CA MET A 142 21.73 14.24 33.94
C MET A 142 21.03 12.96 34.28
N THR A 143 20.26 12.94 35.35
CA THR A 143 19.56 11.70 35.73
C THR A 143 18.07 11.91 35.79
N GLN A 144 17.32 10.88 35.47
CA GLN A 144 15.88 10.86 35.49
C GLN A 144 15.54 9.57 36.22
N ALA A 145 15.10 9.72 37.47
CA ALA A 145 14.95 8.51 38.30
C ALA A 145 13.86 7.55 37.82
N ALA A 146 12.78 8.06 37.24
CA ALA A 146 11.68 7.19 36.78
C ALA A 146 11.90 6.74 35.39
N PRO A 147 11.96 5.44 35.15
CA PRO A 147 12.01 4.99 33.72
C PRO A 147 10.69 5.27 32.97
N SER A 148 9.58 5.28 33.71
CA SER A 148 8.29 5.48 33.08
C SER A 148 7.29 6.16 34.00
N VAL A 149 6.27 6.76 33.41
CA VAL A 149 5.05 7.14 34.11
C VAL A 149 3.85 6.61 33.33
N SER A 150 2.87 6.10 34.07
CA SER A 150 1.65 5.49 33.50
C SER A 150 0.50 6.31 34.03
N VAL A 151 -0.30 6.92 33.15
CA VAL A 151 -1.32 7.87 33.51
C VAL A 151 -2.61 7.63 32.74
N THR A 152 -3.71 8.14 33.24
CA THR A 152 -4.96 8.09 32.49
C THR A 152 -5.23 9.46 31.90
N PRO A 153 -5.84 9.52 30.72
CA PRO A 153 -6.10 10.80 30.10
C PRO A 153 -6.85 11.77 30.99
N GLY A 154 -6.41 13.02 31.02
CA GLY A 154 -6.93 14.03 31.92
C GLY A 154 -6.19 14.17 33.25
N GLU A 155 -5.40 13.16 33.63
CA GLU A 155 -4.59 13.21 34.86
C GLU A 155 -3.48 14.27 34.59
N SER A 156 -2.98 14.85 35.67
CA SER A 156 -1.71 15.59 35.64
C SER A 156 -0.57 14.69 36.06
N VAL A 157 0.65 15.05 35.65
CA VAL A 157 1.84 14.28 35.97
C VAL A 157 3.05 15.17 36.14
N SER A 158 3.96 14.71 36.99
CA SER A 158 5.25 15.35 37.20
C SER A 158 6.36 14.39 36.80
N ILE A 159 7.39 14.90 36.13
CA ILE A 159 8.57 14.11 35.74
C ILE A 159 9.81 14.84 36.26
N SER A 160 10.65 14.10 36.99
CA SER A 160 11.82 14.68 37.60
CA SER A 160 11.83 14.66 37.65
C SER A 160 13.10 14.45 36.81
N CYS A 161 14.03 15.36 37.02
CA CYS A 161 15.37 15.31 36.47
C CYS A 161 16.33 15.94 37.48
N ARG A 162 17.56 15.50 37.49
CA ARG A 162 18.61 16.13 38.29
CA ARG A 162 18.62 16.12 38.29
C ARG A 162 19.87 16.30 37.45
N SER A 163 20.63 17.34 37.74
CA SER A 163 21.93 17.58 37.14
C SER A 163 23.04 17.49 38.20
N SER A 164 24.22 17.01 37.79
CA SER A 164 25.31 16.81 38.71
C SER A 164 25.98 18.09 39.14
N LYS A 165 25.76 19.20 38.45
CA LYS A 165 26.18 20.49 38.90
C LYS A 165 25.11 21.49 38.53
N SER A 166 25.18 22.64 39.17
CA SER A 166 24.23 23.72 38.85
C SER A 166 24.28 24.05 37.37
N LEU A 167 23.06 24.23 36.79
CA LEU A 167 22.95 24.71 35.44
C LEU A 167 22.71 26.20 35.34
N LEU A 168 22.87 26.92 36.45
CA LEU A 168 22.77 28.39 36.47
C LEU A 168 24.02 29.04 35.93
N HIS A 169 23.88 29.90 34.93
CA HIS A 169 24.97 30.64 34.30
C HIS A 169 25.07 32.02 34.93
N ARG A 170 26.24 32.61 34.78
CA ARG A 170 26.47 33.97 35.25
C ARG A 170 25.45 34.98 34.66
N ASN A 171 24.91 34.69 33.46
CA ASN A 171 23.94 35.62 32.84
C ASN A 171 22.58 35.56 33.48
N GLY A 172 22.34 34.60 34.36
CA GLY A 172 21.08 34.50 35.10
C GLY A 172 20.13 33.43 34.63
N ASN A 173 20.42 32.87 33.46
CA ASN A 173 19.63 31.76 32.92
C ASN A 173 20.10 30.43 33.44
N THR A 174 19.19 29.48 33.56
CA THR A 174 19.48 28.11 33.94
C THR A 174 19.28 27.23 32.69
N TYR A 175 20.37 26.60 32.23
CA TYR A 175 20.39 25.98 30.90
C TYR A 175 19.94 24.52 30.91
N LEU A 176 18.71 24.35 31.36
CA LEU A 176 18.00 23.08 31.41
C LEU A 176 16.89 23.09 30.34
N PHE A 177 16.75 21.98 29.62
CA PHE A 177 15.78 21.86 28.52
C PHE A 177 15.01 20.57 28.67
N TRP A 178 13.74 20.58 28.29
CA TRP A 178 12.91 19.37 28.22
C TRP A 178 12.47 19.16 26.79
N PHE A 179 12.57 17.89 26.40
CA PHE A 179 12.12 17.41 25.09
C PHE A 179 11.14 16.25 25.26
N LEU A 180 10.23 16.15 24.33
CA LEU A 180 9.34 14.98 24.12
C LEU A 180 9.66 14.33 22.80
N GLN A 181 9.93 13.03 22.83
CA GLN A 181 10.06 12.29 21.59
C GLN A 181 8.85 11.35 21.50
N ARG A 182 7.86 11.76 20.70
CA ARG A 182 6.69 10.93 20.44
CA ARG A 182 6.69 10.91 20.41
C ARG A 182 7.07 9.68 19.64
N PRO A 183 6.25 8.63 19.73
CA PRO A 183 6.64 7.41 19.03
C PRO A 183 6.76 7.61 17.50
N GLY A 184 7.90 7.17 17.00
CA GLY A 184 8.27 7.28 15.60
C GLY A 184 8.57 8.68 15.09
N GLN A 185 8.79 9.63 16.00
CA GLN A 185 9.02 11.01 15.64
C GLN A 185 10.39 11.44 16.16
N SER A 186 10.82 12.60 15.70
CA SER A 186 11.98 13.27 16.22
C SER A 186 11.65 13.90 17.56
N PRO A 187 12.70 14.17 18.37
CA PRO A 187 12.46 14.95 19.57
C PRO A 187 11.89 16.33 19.24
N GLN A 188 11.09 16.84 20.18
CA GLN A 188 10.61 18.21 20.07
CA GLN A 188 10.44 18.16 20.11
C GLN A 188 10.86 18.92 21.38
N LEU A 189 11.30 20.15 21.26
CA LEU A 189 11.54 21.02 22.44
C LEU A 189 10.25 21.45 23.07
N LEU A 190 10.14 21.26 24.38
CA LEU A 190 8.98 21.69 25.16
C LEU A 190 9.24 22.93 26.01
N ILE A 191 10.37 22.88 26.75
CA ILE A 191 10.69 23.89 27.74
C ILE A 191 12.16 24.23 27.56
N TYR A 192 12.47 25.52 27.51
CA TYR A 192 13.85 25.98 27.37
C TYR A 192 14.26 26.85 28.54
N ARG A 193 15.55 26.74 28.89
CA ARG A 193 16.09 27.55 30.01
C ARG A 193 15.18 27.39 31.25
N MET A 194 14.94 26.13 31.58
CA MET A 194 14.29 25.67 32.81
C MET A 194 12.78 25.83 32.86
N SER A 195 12.28 27.01 32.47
CA SER A 195 10.86 27.30 32.64
C SER A 195 10.15 27.86 31.42
N ASN A 196 10.88 28.22 30.37
CA ASN A 196 10.24 28.96 29.30
C ASN A 196 9.53 28.00 28.33
N LEU A 197 8.28 28.32 27.98
CA LEU A 197 7.50 27.46 27.06
C LEU A 197 7.92 27.70 25.64
N ALA A 198 8.26 26.61 24.95
CA ALA A 198 8.64 26.74 23.55
C ALA A 198 7.46 27.04 22.66
N SER A 199 7.77 27.72 21.56
CA SER A 199 6.75 28.09 20.59
C SER A 199 6.01 26.86 20.07
N GLY A 200 4.69 26.94 20.05
CA GLY A 200 3.88 25.86 19.49
C GLY A 200 3.53 24.75 20.49
N VAL A 201 4.02 24.88 21.73
CA VAL A 201 3.77 23.86 22.72
C VAL A 201 2.61 24.33 23.61
N PRO A 202 1.68 23.43 23.95
CA PRO A 202 0.53 23.90 24.78
C PRO A 202 0.97 24.31 26.21
N ASP A 203 0.25 25.23 26.82
CA ASP A 203 0.68 25.74 28.11
C ASP A 203 0.25 24.77 29.25
N ARG A 204 -0.31 23.61 28.89
CA ARG A 204 -0.39 22.48 29.81
C ARG A 204 0.99 21.99 30.28
N PHE A 205 2.02 22.28 29.52
CA PHE A 205 3.42 21.94 29.91
C PHE A 205 4.03 23.11 30.67
N SER A 206 4.70 22.81 31.78
CA SER A 206 5.46 23.82 32.50
C SER A 206 6.70 23.19 33.12
N GLY A 207 7.66 24.04 33.42
CA GLY A 207 8.89 23.57 34.04
C GLY A 207 9.32 24.47 35.18
N SER A 208 9.90 23.81 36.18
CA SER A 208 10.40 24.50 37.36
C SER A 208 11.68 23.81 37.79
N GLY A 209 12.40 24.44 38.72
CA GLY A 209 13.56 23.76 39.27
C GLY A 209 14.39 24.63 40.20
N SER A 210 15.42 24.00 40.74
CA SER A 210 16.31 24.64 41.72
C SER A 210 17.67 24.96 41.15
N GLY A 211 17.91 24.64 39.88
CA GLY A 211 19.24 24.71 39.29
C GLY A 211 19.99 23.37 39.25
N THR A 212 19.60 22.45 40.15
CA THR A 212 20.15 21.09 40.17
C THR A 212 19.09 20.02 40.18
N ALA A 213 17.84 20.35 40.50
CA ALA A 213 16.72 19.43 40.42
C ALA A 213 15.59 20.13 39.70
N PHE A 214 14.89 19.39 38.85
CA PHE A 214 13.94 20.00 37.93
C PHE A 214 12.68 19.14 37.81
N THR A 215 11.57 19.80 37.47
CA THR A 215 10.31 19.11 37.32
C THR A 215 9.60 19.64 36.09
N LEU A 216 9.23 18.71 35.20
CA LEU A 216 8.29 19.01 34.10
C LEU A 216 6.89 18.59 34.61
N ARG A 217 5.93 19.52 34.52
CA ARG A 217 4.57 19.22 34.88
CA ARG A 217 4.54 19.26 34.90
C ARG A 217 3.73 19.27 33.63
N ILE A 218 2.89 18.26 33.48
CA ILE A 218 1.94 18.18 32.36
C ILE A 218 0.55 18.08 32.94
N SER A 219 -0.27 19.10 32.72
CA SER A 219 -1.69 19.00 33.09
CA SER A 219 -1.69 19.05 33.07
C SER A 219 -2.52 18.38 31.98
N ARG A 220 -3.62 17.75 32.36
CA ARG A 220 -4.62 17.30 31.40
C ARG A 220 -3.99 16.45 30.29
N VAL A 221 -3.26 15.41 30.70
CA VAL A 221 -2.55 14.56 29.76
C VAL A 221 -3.48 14.02 28.69
N GLU A 222 -3.00 13.99 27.47
CA GLU A 222 -3.77 13.45 26.34
C GLU A 222 -2.90 12.58 25.51
N ALA A 223 -3.53 11.88 24.57
CA ALA A 223 -2.84 10.87 23.80
C ALA A 223 -1.60 11.41 23.10
N GLU A 224 -1.66 12.66 22.61
CA GLU A 224 -0.54 13.31 21.90
C GLU A 224 0.69 13.51 22.80
N ASP A 225 0.54 13.33 24.10
CA ASP A 225 1.64 13.51 25.07
C ASP A 225 2.43 12.24 25.32
N VAL A 226 1.96 11.13 24.75
CA VAL A 226 2.64 9.89 24.87
C VAL A 226 4.01 9.91 24.18
N GLY A 227 5.04 9.40 24.86
CA GLY A 227 6.38 9.35 24.32
C GLY A 227 7.43 9.42 25.39
N VAL A 228 8.68 9.63 25.03
CA VAL A 228 9.74 9.69 26.01
C VAL A 228 10.14 11.14 26.27
N TYR A 229 10.18 11.53 27.56
CA TYR A 229 10.58 12.86 27.99
C TYR A 229 12.02 12.82 28.43
N TYR A 230 12.80 13.75 27.87
CA TYR A 230 14.22 13.85 28.19
C TYR A 230 14.52 15.23 28.70
N CYS A 231 15.31 15.31 29.78
CA CYS A 231 15.93 16.59 30.13
C CYS A 231 17.31 16.63 29.46
N MET A 232 17.87 17.85 29.37
CA MET A 232 19.19 18.03 28.67
CA MET A 232 19.12 18.02 28.70
C MET A 232 19.76 19.31 29.22
N GLN A 233 21.06 19.33 29.37
CA GLN A 233 21.77 20.57 29.70
C GLN A 233 22.50 21.09 28.47
N HIS A 234 22.45 22.43 28.30
CA HIS A 234 23.21 23.15 27.28
C HIS A 234 24.08 24.25 27.94
N LEU A 235 24.56 23.93 29.14
CA LEU A 235 25.50 24.85 29.80
C LEU A 235 26.92 24.71 29.24
N GLU A 236 27.39 23.48 29.11
CA GLU A 236 28.79 23.22 28.85
C GLU A 236 28.90 22.03 27.95
N TYR A 237 29.80 22.09 26.99
CA TYR A 237 30.20 20.90 26.25
C TYR A 237 30.81 19.83 27.14
N PRO A 238 30.59 18.56 26.86
CA PRO A 238 29.57 18.07 25.89
C PRO A 238 28.17 18.21 26.45
N TYR A 239 27.22 18.58 25.60
CA TYR A 239 25.83 18.59 26.04
C TYR A 239 25.38 17.19 26.38
N THR A 240 24.52 17.03 27.39
CA THR A 240 24.15 15.74 27.94
C THR A 240 22.67 15.69 28.23
N PHE A 241 22.13 14.49 28.02
CA PHE A 241 20.73 14.24 28.21
C PHE A 241 20.52 13.29 29.39
N GLY A 242 19.36 13.42 30.05
CA GLY A 242 18.94 12.41 30.99
C GLY A 242 18.58 11.09 30.29
N SER A 243 18.28 10.06 31.07
CA SER A 243 18.05 8.73 30.53
C SER A 243 16.64 8.54 29.95
N GLY A 244 15.75 9.53 30.18
CA GLY A 244 14.42 9.52 29.62
C GLY A 244 13.40 8.90 30.58
N THR A 245 12.19 9.43 30.50
CA THR A 245 11.07 8.88 31.24
C THR A 245 9.94 8.69 30.22
N LYS A 246 9.54 7.44 29.99
CA LYS A 246 8.48 7.14 29.04
C LYS A 246 7.14 7.35 29.65
N LEU A 247 6.30 8.17 29.01
CA LEU A 247 4.92 8.36 29.40
C LEU A 247 4.03 7.49 28.54
N GLU A 248 3.20 6.70 29.20
CA GLU A 248 2.21 5.88 28.52
CA GLU A 248 2.19 5.90 28.50
C GLU A 248 0.83 6.01 29.18
N LEU A 249 -0.24 5.74 28.45
CA LEU A 249 -1.60 5.69 29.03
C LEU A 249 -1.86 4.30 29.65
N LYS A 250 -2.58 4.34 30.76
CA LYS A 250 -2.65 3.19 31.68
C LYS A 250 -3.18 1.79 31.28
N VAL A 251 -2.50 0.75 31.81
CA VAL A 251 -3.01 -0.62 32.12
C VAL A 251 -4.53 -0.68 32.38
N ILE B 2 25.95 35.53 18.49
CA ILE B 2 26.28 34.10 18.24
C ILE B 2 27.79 33.94 18.00
N ASN B 3 28.45 33.24 18.92
CA ASN B 3 29.88 32.96 18.86
C ASN B 3 30.20 31.91 17.80
N TYR B 4 31.27 32.12 17.03
CA TYR B 4 31.57 31.29 15.88
C TYR B 4 32.36 30.05 16.23
N TYR B 5 32.79 29.92 17.48
CA TYR B 5 33.70 28.86 17.87
C TYR B 5 33.19 27.95 19.00
N ALA B 6 32.17 28.37 19.73
CA ALA B 6 31.41 27.50 20.66
C ALA B 6 29.99 27.94 20.70
N SER B 7 29.08 26.96 20.82
CA SER B 7 27.67 27.24 21.01
C SER B 7 27.28 27.42 22.47
N GLU B 8 28.25 27.29 23.36
CA GLU B 8 27.97 27.41 24.80
C GLU B 8 27.55 28.82 25.11
N PRO B 9 26.62 29.00 26.03
CA PRO B 9 26.24 30.36 26.42
C PRO B 9 27.34 31.10 27.16
N GLU C 1 -1.15 20.15 -30.63
CA GLU C 1 -0.85 19.18 -29.55
C GLU C 1 0.51 18.54 -29.87
N VAL C 2 1.23 18.10 -28.84
CA VAL C 2 2.47 17.38 -28.97
C VAL C 2 2.23 15.93 -29.40
N GLN C 3 3.08 15.50 -30.32
CA GLN C 3 3.13 14.14 -30.89
CA GLN C 3 3.09 14.07 -30.66
C GLN C 3 4.52 13.56 -30.53
N LEU C 4 4.59 12.36 -29.98
CA LEU C 4 5.83 11.59 -29.81
C LEU C 4 5.50 10.18 -30.31
N GLN C 5 5.90 9.87 -31.52
CA GLN C 5 5.48 8.66 -32.22
C GLN C 5 6.64 7.66 -32.28
N GLN C 6 6.57 6.66 -31.40
CA GLN C 6 7.66 5.70 -31.29
C GLN C 6 7.51 4.54 -32.24
N SER C 7 8.63 3.92 -32.55
CA SER C 7 8.71 2.83 -33.49
C SER C 7 8.22 1.52 -32.89
N GLY C 8 7.98 0.54 -33.76
CA GLY C 8 7.34 -0.66 -33.39
C GLY C 8 8.13 -1.66 -32.60
N ALA C 9 7.39 -2.57 -32.03
CA ALA C 9 7.99 -3.62 -31.20
C ALA C 9 9.04 -4.41 -31.95
N GLU C 10 10.09 -4.79 -31.21
CA GLU C 10 11.22 -5.53 -31.75
C GLU C 10 11.34 -6.87 -31.03
N LEU C 11 11.56 -7.95 -31.78
CA LEU C 11 11.83 -9.25 -31.23
C LEU C 11 13.20 -9.63 -31.80
N VAL C 12 14.21 -9.72 -30.92
CA VAL C 12 15.58 -9.76 -31.38
C VAL C 12 16.37 -10.79 -30.57
N ARG C 13 17.52 -11.19 -31.13
CA ARG C 13 18.37 -12.17 -30.52
C ARG C 13 19.33 -11.56 -29.50
N PRO C 14 19.69 -12.35 -28.46
CA PRO C 14 20.80 -11.89 -27.61
C PRO C 14 22.03 -11.58 -28.40
N GLY C 15 22.76 -10.56 -27.94
CA GLY C 15 24.04 -10.15 -28.48
C GLY C 15 23.93 -9.18 -29.63
N THR C 16 22.74 -8.99 -30.14
CA THR C 16 22.53 -8.03 -31.24
C THR C 16 22.27 -6.61 -30.71
N SER C 17 22.09 -5.68 -31.64
CA SER C 17 21.76 -4.31 -31.32
C SER C 17 20.40 -3.98 -31.89
N VAL C 18 19.73 -3.00 -31.31
CA VAL C 18 18.52 -2.48 -31.91
C VAL C 18 18.58 -0.95 -31.83
N LYS C 19 17.96 -0.31 -32.80
CA LYS C 19 17.83 1.13 -32.83
C LYS C 19 16.37 1.49 -33.05
N MET C 20 15.82 2.24 -32.09
CA MET C 20 14.43 2.64 -32.11
C MET C 20 14.34 4.16 -32.29
N SER C 21 13.14 4.61 -32.72
CA SER C 21 12.94 6.02 -33.03
C SER C 21 11.74 6.61 -32.28
N CYS C 22 11.78 7.93 -32.19
CA CYS C 22 10.75 8.69 -31.47
C CYS C 22 10.56 9.98 -32.30
N LYS C 23 9.56 9.97 -33.20
CA LYS C 23 9.30 11.12 -34.07
C LYS C 23 8.44 12.14 -33.33
N ALA C 24 8.94 13.36 -33.28
CA ALA C 24 8.35 14.44 -32.51
C ALA C 24 7.63 15.43 -33.41
N ALA C 25 6.53 15.98 -32.91
CA ALA C 25 5.85 17.05 -33.62
C ALA C 25 5.09 17.89 -32.60
N GLY C 26 4.70 19.10 -33.05
CA GLY C 26 3.80 19.93 -32.25
C GLY C 26 4.49 20.89 -31.31
N TYR C 27 5.81 20.99 -31.39
CA TYR C 27 6.62 21.89 -30.58
C TYR C 27 7.96 22.04 -31.29
N THR C 28 8.79 22.98 -30.83
CA THR C 28 10.08 23.24 -31.43
C THR C 28 11.08 22.19 -30.94
N PHE C 29 11.42 21.27 -31.84
CA PHE C 29 12.25 20.09 -31.51
C PHE C 29 13.61 20.49 -30.93
N THR C 30 14.19 21.56 -31.44
CA THR C 30 15.50 22.02 -31.04
C THR C 30 15.52 22.84 -29.77
N LYS C 31 14.40 22.95 -29.03
CA LYS C 31 14.29 23.76 -27.83
C LYS C 31 14.26 22.94 -26.52
N TYR C 32 13.90 21.65 -26.58
CA TYR C 32 13.62 20.90 -25.36
C TYR C 32 14.38 19.59 -25.33
N TRP C 33 14.77 19.22 -24.13
CA TRP C 33 15.36 17.89 -23.87
C TRP C 33 14.34 16.78 -24.14
N ILE C 34 14.86 15.67 -24.63
CA ILE C 34 14.13 14.42 -24.72
C ILE C 34 14.81 13.42 -23.82
N GLY C 35 14.03 12.85 -22.90
CA GLY C 35 14.50 11.81 -22.03
C GLY C 35 14.00 10.44 -22.46
N TRP C 36 14.74 9.40 -22.07
CA TRP C 36 14.38 8.04 -22.39
C TRP C 36 14.28 7.21 -21.08
N VAL C 37 13.28 6.37 -21.02
CA VAL C 37 12.90 5.65 -19.79
C VAL C 37 12.65 4.20 -20.13
N LYS C 38 13.17 3.31 -19.26
CA LYS C 38 12.98 1.89 -19.38
C LYS C 38 11.98 1.37 -18.37
N GLN C 39 11.01 0.61 -18.86
CA GLN C 39 9.97 0.01 -18.02
C GLN C 39 10.06 -1.52 -18.18
N ARG C 40 10.61 -2.16 -17.18
CA ARG C 40 10.82 -3.62 -17.20
CA ARG C 40 10.79 -3.61 -17.19
C ARG C 40 9.95 -4.17 -16.07
N PRO C 41 9.19 -5.23 -16.34
CA PRO C 41 8.32 -5.74 -15.26
C PRO C 41 9.11 -6.10 -13.99
N GLY C 42 8.62 -5.66 -12.84
CA GLY C 42 9.32 -5.77 -11.57
C GLY C 42 10.44 -4.83 -11.26
N HIS C 43 10.68 -3.89 -12.18
CA HIS C 43 11.80 -2.95 -12.05
C HIS C 43 11.43 -1.46 -12.25
N GLY C 44 10.16 -1.16 -11.99
CA GLY C 44 9.62 0.20 -12.00
C GLY C 44 9.92 0.92 -13.29
N LEU C 45 10.46 2.13 -13.16
CA LEU C 45 10.94 2.92 -14.31
C LEU C 45 12.37 3.31 -14.04
N GLU C 46 13.23 3.21 -15.05
CA GLU C 46 14.60 3.56 -14.94
C GLU C 46 14.91 4.59 -16.01
N TRP C 47 15.53 5.69 -15.62
CA TRP C 47 15.89 6.75 -16.54
C TRP C 47 17.22 6.45 -17.19
N ILE C 48 17.25 6.49 -18.50
CA ILE C 48 18.44 6.12 -19.29
C ILE C 48 19.35 7.33 -19.51
N GLY C 49 18.77 8.43 -19.92
CA GLY C 49 19.53 9.56 -20.32
C GLY C 49 18.63 10.58 -21.00
N ASP C 50 19.23 11.74 -21.34
CA ASP C 50 18.53 12.76 -22.12
C ASP C 50 19.44 13.35 -23.19
N ILE C 51 18.81 13.93 -24.20
CA ILE C 51 19.51 14.58 -25.30
C ILE C 51 18.81 15.84 -25.65
N HIS C 52 19.58 16.87 -25.97
CA HIS C 52 19.01 18.13 -26.40
C HIS C 52 19.22 18.26 -27.92
N PRO C 53 18.15 18.19 -28.73
CA PRO C 53 18.41 18.22 -30.18
C PRO C 53 18.94 19.56 -30.67
N GLY C 54 18.85 20.64 -29.90
CA GLY C 54 19.46 21.91 -30.30
C GLY C 54 20.97 21.93 -30.27
N SER C 55 21.55 21.19 -29.34
CA SER C 55 23.01 21.10 -29.22
C SER C 55 23.60 19.76 -29.55
N PHE C 56 22.75 18.74 -29.50
CA PHE C 56 23.11 17.33 -29.62
C PHE C 56 23.84 16.81 -28.40
N TYR C 57 23.90 17.60 -27.34
CA TYR C 57 24.53 17.10 -26.13
CA TYR C 57 24.49 17.15 -26.05
C TYR C 57 23.64 16.10 -25.43
N SER C 58 24.27 15.08 -24.87
CA SER C 58 23.57 14.02 -24.19
CA SER C 58 23.58 13.99 -24.21
C SER C 58 24.15 13.79 -22.82
N ASN C 59 23.29 13.37 -21.91
CA ASN C 59 23.67 13.04 -20.52
C ASN C 59 23.08 11.70 -20.20
N TYR C 60 23.90 10.80 -19.69
CA TYR C 60 23.50 9.44 -19.42
C TYR C 60 23.49 9.08 -17.96
N ASN C 61 22.58 8.24 -17.57
CA ASN C 61 22.71 7.48 -16.32
C ASN C 61 23.94 6.60 -16.49
N GLU C 62 24.85 6.65 -15.51
CA GLU C 62 26.01 5.74 -15.50
C GLU C 62 25.64 4.30 -15.76
N LYS C 63 24.45 3.86 -15.33
CA LYS C 63 24.04 2.47 -15.52
C LYS C 63 23.84 2.07 -16.99
N PHE C 64 23.78 3.07 -17.89
CA PHE C 64 23.55 2.80 -19.30
C PHE C 64 24.68 3.26 -20.15
N LYS C 65 25.80 3.73 -19.55
CA LYS C 65 26.94 4.18 -20.38
C LYS C 65 27.61 2.93 -20.93
N GLY C 66 27.59 2.78 -22.24
CA GLY C 66 28.07 1.58 -22.92
C GLY C 66 26.98 0.59 -23.26
N LYS C 67 25.75 0.95 -22.96
CA LYS C 67 24.57 0.19 -23.38
C LYS C 67 23.72 0.99 -24.36
N ALA C 68 23.38 2.21 -23.99
CA ALA C 68 22.49 3.05 -24.81
C ALA C 68 23.24 4.17 -25.43
N THR C 69 22.84 4.52 -26.66
CA THR C 69 23.35 5.69 -27.37
C THR C 69 22.17 6.50 -27.87
N LEU C 70 22.12 7.76 -27.49
CA LEU C 70 21.08 8.69 -27.92
C LEU C 70 21.58 9.55 -29.06
N THR C 71 20.75 9.69 -30.09
CA THR C 71 21.03 10.57 -31.21
C THR C 71 19.76 11.29 -31.62
N ALA C 72 19.90 12.26 -32.49
CA ALA C 72 18.76 13.00 -32.99
C ALA C 72 19.01 13.46 -34.41
N ASP C 73 17.93 13.58 -35.17
CA ASP C 73 17.95 14.07 -36.57
C ASP C 73 17.00 15.25 -36.60
N THR C 74 17.58 16.45 -36.73
CA THR C 74 16.77 17.65 -36.75
C THR C 74 16.05 17.90 -38.09
N SER C 75 16.44 17.22 -39.17
CA SER C 75 15.69 17.34 -40.44
C SER C 75 14.26 16.77 -40.27
N SER C 76 14.18 15.60 -39.66
CA SER C 76 12.93 14.89 -39.51
C SER C 76 12.35 15.01 -38.11
N SER C 77 13.00 15.77 -37.24
CA SER C 77 12.62 15.90 -35.84
CA SER C 77 12.64 15.91 -35.82
C SER C 77 12.36 14.55 -35.18
N THR C 78 13.37 13.68 -35.30
CA THR C 78 13.30 12.32 -34.76
C THR C 78 14.47 12.09 -33.82
N ALA C 79 14.17 11.57 -32.63
CA ALA C 79 15.18 11.14 -31.68
C ALA C 79 15.33 9.61 -31.79
N TYR C 80 16.54 9.13 -31.57
CA TYR C 80 16.81 7.70 -31.68
C TYR C 80 17.52 7.18 -30.45
N MET C 81 17.30 5.90 -30.14
CA MET C 81 18.11 5.26 -29.08
C MET C 81 18.53 3.90 -29.60
N GLN C 82 19.82 3.64 -29.52
N GLN C 82 19.82 3.66 -29.50
CA GLN C 82 20.40 2.36 -29.87
CA GLN C 82 20.39 2.38 -29.82
C GLN C 82 20.90 1.63 -28.64
C GLN C 82 20.79 1.66 -28.56
N LEU C 83 20.51 0.37 -28.53
CA LEU C 83 20.92 -0.49 -27.43
C LEU C 83 21.82 -1.59 -28.03
N SER C 84 22.99 -1.79 -27.40
CA SER C 84 23.96 -2.79 -27.89
C SER C 84 24.04 -4.00 -26.99
N SER C 85 24.59 -5.06 -27.53
CA SER C 85 24.84 -6.33 -26.81
C SER C 85 23.65 -6.76 -25.99
N LEU C 86 22.52 -7.00 -26.67
CA LEU C 86 21.27 -7.23 -25.97
C LEU C 86 21.28 -8.50 -25.16
N THR C 87 20.65 -8.44 -24.00
CA THR C 87 20.45 -9.59 -23.12
C THR C 87 19.01 -9.61 -22.66
N SER C 88 18.64 -10.64 -21.93
CA SER C 88 17.28 -10.71 -21.41
C SER C 88 16.96 -9.54 -20.49
N GLU C 89 17.99 -8.96 -19.85
CA GLU C 89 17.78 -7.84 -18.95
C GLU C 89 17.33 -6.60 -19.70
N ASP C 90 17.55 -6.58 -21.02
CA ASP C 90 17.08 -5.47 -21.87
C ASP C 90 15.65 -5.59 -22.36
N SER C 91 14.98 -6.72 -22.13
CA SER C 91 13.58 -6.87 -22.50
C SER C 91 12.74 -5.93 -21.66
N ALA C 92 12.08 -4.97 -22.30
CA ALA C 92 11.42 -3.89 -21.60
C ALA C 92 10.67 -3.06 -22.59
N ILE C 93 9.85 -2.16 -22.07
CA ILE C 93 9.25 -1.10 -22.90
C ILE C 93 10.04 0.17 -22.69
N TYR C 94 10.45 0.81 -23.80
CA TYR C 94 11.24 2.02 -23.74
C TYR C 94 10.44 3.22 -24.21
N TYR C 95 10.42 4.28 -23.41
CA TYR C 95 9.68 5.49 -23.74
C TYR C 95 10.60 6.63 -24.01
N CYS C 96 10.22 7.51 -24.93
CA CYS C 96 10.78 8.85 -25.00
C CYS C 96 9.76 9.81 -24.35
N ALA C 97 10.27 10.91 -23.83
CA ALA C 97 9.43 11.94 -23.20
C ALA C 97 10.07 13.29 -23.40
N ARG C 98 9.21 14.31 -23.64
CA ARG C 98 9.70 15.65 -23.75
C ARG C 98 9.74 16.31 -22.38
N ASP C 99 10.86 16.92 -22.04
CA ASP C 99 11.08 17.64 -20.78
C ASP C 99 10.70 19.10 -20.99
N TYR C 100 9.61 19.55 -20.38
CA TYR C 100 9.15 20.93 -20.45
C TYR C 100 9.41 21.57 -19.11
N TYR C 101 10.55 22.27 -19.00
CA TYR C 101 10.87 22.96 -17.74
C TYR C 101 10.83 22.06 -16.51
N THR C 102 11.40 20.87 -16.69
CA THR C 102 11.51 19.75 -15.74
C THR C 102 10.30 18.82 -15.70
N ASN C 103 9.21 19.19 -16.38
CA ASN C 103 8.03 18.36 -16.43
C ASN C 103 8.11 17.35 -17.59
N TYR C 104 8.06 16.04 -17.30
CA TYR C 104 7.92 15.05 -18.36
CA TYR C 104 7.89 15.08 -18.39
C TYR C 104 6.41 14.97 -18.67
N GLY C 105 5.90 15.99 -19.37
CA GLY C 105 4.47 16.10 -19.58
C GLY C 105 3.99 15.42 -20.85
N ASP C 106 4.89 15.07 -21.76
CA ASP C 106 4.52 14.42 -23.02
C ASP C 106 5.37 13.16 -23.13
N TRP C 107 4.71 12.01 -23.31
CA TRP C 107 5.40 10.73 -23.42
C TRP C 107 5.00 10.09 -24.76
N GLY C 108 5.93 9.38 -25.34
CA GLY C 108 5.60 8.45 -26.41
C GLY C 108 4.81 7.26 -25.91
N GLN C 109 4.39 6.41 -26.85
CA GLN C 109 3.56 5.27 -26.49
C GLN C 109 4.41 4.05 -26.12
N GLY C 110 5.72 4.15 -26.23
CA GLY C 110 6.63 3.07 -25.88
C GLY C 110 6.95 2.19 -27.05
N THR C 111 8.16 1.63 -27.01
CA THR C 111 8.61 0.59 -27.91
C THR C 111 8.95 -0.64 -27.07
N SER C 112 8.30 -1.77 -27.35
CA SER C 112 8.65 -3.01 -26.66
C SER C 112 9.79 -3.68 -27.35
N VAL C 113 10.80 -4.05 -26.57
CA VAL C 113 11.92 -4.88 -27.04
C VAL C 113 11.84 -6.17 -26.28
N THR C 114 11.81 -7.28 -27.03
CA THR C 114 11.81 -8.61 -26.44
C THR C 114 13.07 -9.29 -26.96
N VAL C 115 13.96 -9.68 -26.06
CA VAL C 115 15.19 -10.37 -26.39
C VAL C 115 14.92 -11.88 -26.19
N SER C 116 15.09 -12.67 -27.26
CA SER C 116 14.66 -14.10 -27.33
C SER C 116 15.55 -15.09 -26.59
N SER C 138 25.69 7.57 -4.66
CA SER C 138 25.10 8.88 -4.47
C SER C 138 23.77 9.14 -5.19
N ASP C 139 23.23 8.15 -5.88
CA ASP C 139 21.97 8.37 -6.60
C ASP C 139 20.83 8.48 -5.60
N ILE C 140 19.83 9.24 -5.98
CA ILE C 140 18.65 9.41 -5.11
C ILE C 140 17.73 8.20 -5.28
N VAL C 141 17.44 7.46 -4.21
CA VAL C 141 16.57 6.34 -4.26
C VAL C 141 15.20 6.83 -3.93
N MET C 142 14.23 6.49 -4.80
CA MET C 142 12.81 6.81 -4.61
C MET C 142 12.11 5.49 -4.23
N THR C 143 11.41 5.52 -3.11
CA THR C 143 10.81 4.31 -2.55
C THR C 143 9.28 4.43 -2.51
N GLN C 144 8.62 3.45 -3.13
CA GLN C 144 7.17 3.24 -3.05
C GLN C 144 6.99 1.88 -2.42
N ALA C 145 6.67 1.90 -1.13
CA ALA C 145 6.63 0.65 -0.33
C ALA C 145 5.51 -0.32 -0.77
N ALA C 146 4.38 0.25 -1.22
CA ALA C 146 3.22 -0.58 -1.58
C ALA C 146 3.21 -0.90 -3.06
N PRO C 147 3.26 -2.18 -3.46
CA PRO C 147 3.15 -2.45 -4.89
C PRO C 147 1.75 -2.18 -5.45
N SER C 148 0.73 -2.24 -4.58
CA SER C 148 -0.61 -2.02 -5.02
C SER C 148 -1.49 -1.44 -3.92
N VAL C 149 -2.59 -0.84 -4.35
CA VAL C 149 -3.67 -0.50 -3.42
C VAL C 149 -4.96 -0.98 -4.07
N SER C 150 -5.89 -1.41 -3.23
CA SER C 150 -7.20 -1.90 -3.73
C SER C 150 -8.25 -1.07 -2.99
N VAL C 151 -9.09 -0.35 -3.72
CA VAL C 151 -9.98 0.63 -3.13
C VAL C 151 -11.40 0.49 -3.73
N THR C 152 -12.39 0.87 -2.94
CA THR C 152 -13.77 0.90 -3.42
C THR C 152 -14.06 2.19 -4.18
N PRO C 153 -14.77 2.12 -5.31
CA PRO C 153 -15.13 3.39 -5.97
C PRO C 153 -15.77 4.36 -5.00
N GLY C 154 -15.35 5.63 -5.08
CA GLY C 154 -15.83 6.69 -4.21
C GLY C 154 -15.03 6.91 -2.93
N GLU C 155 -14.20 5.95 -2.54
CA GLU C 155 -13.34 6.03 -1.37
C GLU C 155 -12.14 6.87 -1.74
N SER C 156 -11.49 7.48 -0.75
CA SER C 156 -10.26 8.19 -0.99
C SER C 156 -9.08 7.24 -0.78
N VAL C 157 -7.95 7.56 -1.38
CA VAL C 157 -6.72 6.76 -1.09
C VAL C 157 -5.51 7.68 -1.17
N SER C 158 -4.47 7.26 -0.48
CA SER C 158 -3.19 7.97 -0.51
C SER C 158 -2.12 7.00 -0.99
N ILE C 159 -1.22 7.51 -1.81
CA ILE C 159 -0.06 6.73 -2.26
C ILE C 159 1.17 7.43 -1.80
N SER C 160 2.07 6.67 -1.19
CA SER C 160 3.29 7.21 -0.59
C SER C 160 4.52 7.00 -1.46
N CYS C 161 5.43 7.96 -1.32
CA CYS C 161 6.74 7.89 -1.93
C CYS C 161 7.72 8.59 -0.99
N ARG C 162 8.94 8.08 -0.91
CA ARG C 162 10.00 8.74 -0.12
C ARG C 162 11.25 8.88 -0.98
N SER C 163 12.03 9.90 -0.72
CA SER C 163 13.32 10.11 -1.39
C SER C 163 14.46 10.00 -0.35
N SER C 164 15.59 9.47 -0.83
CA SER C 164 16.75 9.32 0.01
C SER C 164 17.54 10.61 0.22
N LYS C 165 17.16 11.69 -0.43
CA LYS C 165 17.74 13.00 -0.28
CA LYS C 165 17.75 13.01 -0.24
C LYS C 165 16.62 14.01 -0.40
N SER C 166 16.76 15.13 0.27
CA SER C 166 15.86 16.27 0.04
C SER C 166 15.76 16.58 -1.45
N LEU C 167 14.53 16.85 -1.91
CA LEU C 167 14.31 17.29 -3.27
C LEU C 167 14.03 18.77 -3.35
N LEU C 168 14.29 19.50 -2.27
CA LEU C 168 14.14 20.95 -2.24
C LEU C 168 15.35 21.65 -2.81
N HIS C 169 15.13 22.51 -3.79
CA HIS C 169 16.11 23.30 -4.48
C HIS C 169 16.20 24.69 -3.88
N ARG C 170 17.34 25.34 -4.05
CA ARG C 170 17.54 26.72 -3.57
C ARG C 170 16.48 27.68 -4.09
N ASN C 171 15.94 27.38 -5.26
CA ASN C 171 14.93 28.27 -5.89
C ASN C 171 13.54 28.16 -5.25
N GLY C 172 13.37 27.24 -4.30
CA GLY C 172 12.14 27.09 -3.56
C GLY C 172 11.25 25.95 -3.99
N ASN C 173 11.52 25.40 -5.17
CA ASN C 173 10.77 24.27 -5.67
C ASN C 173 11.26 22.96 -5.08
N THR C 174 10.34 22.01 -4.91
CA THR C 174 10.70 20.63 -4.55
C THR C 174 10.43 19.77 -5.79
N TYR C 175 11.47 19.16 -6.33
CA TYR C 175 11.45 18.54 -7.65
C TYR C 175 10.97 17.06 -7.59
N LEU C 176 9.72 16.90 -7.13
CA LEU C 176 9.05 15.62 -7.03
C LEU C 176 7.87 15.64 -7.99
N PHE C 177 7.69 14.54 -8.72
CA PHE C 177 6.63 14.46 -9.74
C PHE C 177 5.88 13.13 -9.58
N TRP C 178 4.60 13.15 -9.90
CA TRP C 178 3.75 11.96 -9.91
C TRP C 178 3.17 11.72 -11.29
N PHE C 179 3.21 10.47 -11.72
CA PHE C 179 2.69 10.00 -13.00
C PHE C 179 1.69 8.87 -12.76
N LEU C 180 0.76 8.75 -13.71
CA LEU C 180 -0.17 7.63 -13.77
C LEU C 180 -0.09 7.01 -15.17
N GLN C 181 0.07 5.71 -15.24
CA GLN C 181 -0.13 5.01 -16.49
C GLN C 181 -1.35 4.08 -16.40
N ARG C 182 -2.38 4.48 -17.14
CA ARG C 182 -3.61 3.73 -17.22
C ARG C 182 -3.44 2.64 -18.26
N PRO C 183 -4.24 1.56 -18.18
CA PRO C 183 -4.14 0.51 -19.19
C PRO C 183 -4.36 1.08 -20.60
N GLY C 184 -3.47 0.70 -21.52
CA GLY C 184 -3.57 1.11 -22.90
C GLY C 184 -3.10 2.51 -23.21
N GLN C 185 -2.62 3.22 -22.21
CA GLN C 185 -2.25 4.64 -22.36
C GLN C 185 -0.80 4.80 -22.02
N SER C 186 -0.27 5.91 -22.56
CA SER C 186 1.07 6.34 -22.21
CA SER C 186 1.08 6.32 -22.16
C SER C 186 1.05 6.95 -20.78
N PRO C 187 2.21 6.99 -20.09
CA PRO C 187 2.24 7.70 -18.79
C PRO C 187 1.82 9.14 -18.93
N GLN C 188 1.10 9.61 -17.91
CA GLN C 188 0.58 10.96 -17.82
C GLN C 188 1.15 11.59 -16.54
N LEU C 189 1.63 12.79 -16.71
CA LEU C 189 2.02 13.64 -15.57
C LEU C 189 0.78 14.13 -14.82
N LEU C 190 0.69 13.82 -13.54
CA LEU C 190 -0.41 14.28 -12.67
C LEU C 190 -0.02 15.52 -11.87
N ILE C 191 1.13 15.46 -11.20
CA ILE C 191 1.53 16.47 -10.20
C ILE C 191 2.98 16.81 -10.51
N TYR C 192 3.30 18.09 -10.59
CA TYR C 192 4.66 18.53 -10.82
C TYR C 192 5.16 19.41 -9.70
N ARG C 193 6.44 19.32 -9.39
CA ARG C 193 7.03 20.13 -8.32
C ARG C 193 6.19 19.98 -7.04
N MET C 194 5.98 18.73 -6.66
CA MET C 194 5.41 18.33 -5.40
C MET C 194 3.91 18.45 -5.23
N SER C 195 3.35 19.60 -5.64
CA SER C 195 1.95 19.88 -5.37
C SER C 195 1.18 20.43 -6.54
N ASN C 196 1.80 20.80 -7.65
CA ASN C 196 1.09 21.51 -8.69
C ASN C 196 0.34 20.51 -9.58
N LEU C 197 -0.94 20.75 -9.80
CA LEU C 197 -1.73 19.91 -10.70
C LEU C 197 -1.39 20.20 -12.15
N ALA C 198 -1.07 19.15 -12.95
CA ALA C 198 -0.81 19.37 -14.36
C ALA C 198 -2.15 19.74 -15.05
N SER C 199 -2.04 20.46 -16.16
CA SER C 199 -3.29 20.95 -16.77
C SER C 199 -4.12 19.75 -17.22
N GLY C 200 -5.43 19.88 -17.01
CA GLY C 200 -6.37 18.88 -17.43
C GLY C 200 -6.50 17.68 -16.52
N VAL C 201 -5.70 17.65 -15.47
CA VAL C 201 -5.76 16.55 -14.51
C VAL C 201 -6.93 16.86 -13.56
N PRO C 202 -7.79 15.83 -13.27
CA PRO C 202 -8.88 16.08 -12.35
C PRO C 202 -8.43 16.59 -11.00
N ASP C 203 -9.19 17.50 -10.41
CA ASP C 203 -8.67 18.06 -9.17
C ASP C 203 -9.03 17.20 -7.92
N ARG C 204 -9.56 16.01 -8.13
CA ARG C 204 -9.55 15.00 -7.06
C ARG C 204 -8.11 14.55 -6.72
N PHE C 205 -7.15 14.83 -7.61
CA PHE C 205 -5.73 14.52 -7.35
C PHE C 205 -5.07 15.67 -6.64
N SER C 206 -4.29 15.40 -5.61
CA SER C 206 -3.46 16.43 -4.98
C SER C 206 -2.18 15.81 -4.49
N GLY C 207 -1.16 16.65 -4.32
CA GLY C 207 0.15 16.21 -3.86
C GLY C 207 0.63 17.03 -2.73
N SER C 208 1.28 16.39 -1.76
CA SER C 208 1.91 17.10 -0.66
C SER C 208 3.19 16.43 -0.26
N GLY C 209 3.95 17.07 0.61
CA GLY C 209 5.14 16.40 1.12
C GLY C 209 5.98 17.24 1.99
N SER C 210 7.11 16.63 2.38
CA SER C 210 8.08 17.24 3.33
C SER C 210 9.45 17.50 2.77
N GLY C 211 9.69 17.09 1.54
CA GLY C 211 11.03 17.25 0.96
C GLY C 211 11.70 15.91 0.82
N THR C 212 11.31 14.96 1.68
CA THR C 212 11.65 13.59 1.66
C THR C 212 10.47 12.57 1.71
N ALA C 213 9.33 12.88 2.29
CA ALA C 213 8.17 12.02 2.28
C ALA C 213 7.05 12.71 1.53
N PHE C 214 6.44 11.99 0.59
CA PHE C 214 5.48 12.59 -0.31
C PHE C 214 4.22 11.75 -0.39
N THR C 215 3.09 12.43 -0.62
CA THR C 215 1.82 11.74 -0.73
C THR C 215 1.00 12.25 -1.86
N LEU C 216 0.58 11.33 -2.72
CA LEU C 216 -0.47 11.63 -3.70
C LEU C 216 -1.81 11.18 -3.13
N ARG C 217 -2.75 12.12 -3.05
CA ARG C 217 -4.06 11.85 -2.51
CA ARG C 217 -4.07 11.80 -2.52
C ARG C 217 -5.05 11.84 -3.66
N ILE C 218 -5.89 10.83 -3.70
CA ILE C 218 -7.04 10.81 -4.61
C ILE C 218 -8.30 10.89 -3.75
N SER C 219 -9.08 11.97 -3.88
CA SER C 219 -10.17 12.25 -2.88
C SER C 219 -11.34 11.29 -2.87
N ARG C 220 -11.73 10.88 -4.09
CA ARG C 220 -12.86 9.99 -4.35
C ARG C 220 -12.56 9.25 -5.63
N VAL C 221 -12.04 8.03 -5.51
CA VAL C 221 -11.51 7.29 -6.64
C VAL C 221 -12.59 6.93 -7.65
N GLU C 222 -12.26 7.11 -8.92
CA GLU C 222 -13.13 6.81 -10.05
CA GLU C 222 -13.13 6.83 -10.06
C GLU C 222 -12.53 5.70 -10.88
N ALA C 223 -13.35 5.06 -11.71
CA ALA C 223 -12.88 3.91 -12.49
C ALA C 223 -11.69 4.26 -13.37
N GLU C 224 -11.61 5.51 -13.84
CA GLU C 224 -10.57 5.91 -14.75
C GLU C 224 -9.24 6.07 -14.04
N ASP C 225 -9.23 6.00 -12.71
CA ASP C 225 -8.00 6.18 -11.94
C ASP C 225 -7.21 4.87 -11.82
N VAL C 226 -7.74 3.76 -12.35
CA VAL C 226 -7.03 2.49 -12.36
C VAL C 226 -5.73 2.61 -13.18
N GLY C 227 -4.63 2.12 -12.63
CA GLY C 227 -3.31 2.18 -13.31
C GLY C 227 -2.23 2.18 -12.29
N VAL C 228 -1.03 2.41 -12.80
CA VAL C 228 0.16 2.41 -11.95
C VAL C 228 0.63 3.87 -11.76
N TYR C 229 0.84 4.21 -10.49
CA TYR C 229 1.27 5.54 -10.06
C TYR C 229 2.77 5.47 -9.71
N TYR C 230 3.54 6.37 -10.31
CA TYR C 230 4.96 6.44 -10.07
C TYR C 230 5.37 7.83 -9.57
N CYS C 231 6.26 7.91 -8.60
CA CYS C 231 6.91 9.15 -8.25
C CYS C 231 8.25 9.21 -8.96
N MET C 232 8.77 10.42 -9.07
CA MET C 232 10.05 10.69 -9.80
CA MET C 232 10.04 10.63 -9.71
C MET C 232 10.69 11.91 -9.19
N GLN C 233 12.02 11.92 -9.11
CA GLN C 233 12.72 13.15 -8.85
C GLN C 233 13.42 13.65 -10.11
N HIS C 234 13.33 14.97 -10.32
CA HIS C 234 14.08 15.69 -11.36
C HIS C 234 14.93 16.79 -10.76
N LEU C 235 15.45 16.51 -9.58
CA LEU C 235 16.43 17.45 -8.95
C LEU C 235 17.80 17.32 -9.60
N GLU C 236 18.28 16.09 -9.77
CA GLU C 236 19.65 15.89 -10.23
C GLU C 236 19.78 14.60 -10.99
N TYR C 237 20.70 14.63 -11.95
CA TYR C 237 21.07 13.44 -12.69
C TYR C 237 21.70 12.39 -11.76
N PRO C 238 21.47 11.10 -11.98
CA PRO C 238 20.48 10.56 -12.90
C PRO C 238 19.09 10.73 -12.32
N TYR C 239 18.09 11.07 -13.13
CA TYR C 239 16.72 11.10 -12.61
C TYR C 239 16.32 9.69 -12.21
N THR C 240 15.47 9.58 -11.19
CA THR C 240 15.09 8.32 -10.60
C THR C 240 13.61 8.28 -10.27
N PHE C 241 13.05 7.09 -10.34
CA PHE C 241 11.63 6.84 -10.15
C PHE C 241 11.43 5.81 -9.05
N GLY C 242 10.27 5.91 -8.40
CA GLY C 242 9.81 4.86 -7.55
C GLY C 242 9.37 3.65 -8.38
N SER C 243 9.15 2.54 -7.69
CA SER C 243 8.83 1.25 -8.33
C SER C 243 7.39 1.12 -8.81
N GLY C 244 6.53 2.07 -8.40
CA GLY C 244 5.15 2.07 -8.84
C GLY C 244 4.21 1.45 -7.83
N THR C 245 3.00 2.02 -7.76
CA THR C 245 1.93 1.49 -6.89
C THR C 245 0.71 1.38 -7.83
N LYS C 246 0.28 0.14 -8.06
CA LYS C 246 -0.86 -0.18 -8.92
C LYS C 246 -2.16 0.03 -8.16
N LEU C 247 -3.06 0.84 -8.69
CA LEU C 247 -4.37 1.01 -8.09
C LEU C 247 -5.36 0.08 -8.78
N GLU C 248 -6.07 -0.69 -7.94
CA GLU C 248 -7.10 -1.62 -8.40
C GLU C 248 -8.41 -1.26 -7.70
N LEU C 249 -9.53 -1.45 -8.37
CA LEU C 249 -10.82 -1.40 -7.66
C LEU C 249 -11.16 -2.62 -6.78
N LYS C 250 -11.63 -2.38 -5.55
CA LYS C 250 -12.17 -3.46 -4.70
C LYS C 250 -13.65 -3.55 -5.07
N ILE D 2 16.85 28.66 -21.84
CA ILE D 2 17.11 27.26 -22.30
C ILE D 2 18.55 26.84 -21.98
N ASN D 3 18.69 25.70 -21.31
CA ASN D 3 20.01 25.13 -21.01
C ASN D 3 20.27 23.98 -21.95
N TYR D 4 21.21 24.16 -22.88
CA TYR D 4 21.42 23.16 -23.93
C TYR D 4 22.38 22.03 -23.51
N TYR D 5 22.89 22.07 -22.27
CA TYR D 5 23.94 21.17 -21.84
C TYR D 5 23.58 20.27 -20.67
N ALA D 6 22.68 20.74 -19.79
CA ALA D 6 22.11 19.88 -18.76
C ALA D 6 20.66 20.27 -18.54
N SER D 7 19.82 19.29 -18.24
CA SER D 7 18.40 19.56 -17.99
C SER D 7 18.07 19.77 -16.51
N GLU D 8 19.09 19.68 -15.67
CA GLU D 8 18.86 19.79 -14.23
C GLU D 8 18.46 21.23 -13.87
N PRO D 9 17.56 21.41 -12.92
CA PRO D 9 17.14 22.78 -12.59
C PRO D 9 18.21 23.56 -11.88
N GLU E 1 -13.52 -18.00 -1.80
CA GLU E 1 -13.69 -17.44 -3.17
C GLU E 1 -14.94 -18.04 -3.80
N VAL E 2 -15.46 -17.36 -4.81
CA VAL E 2 -16.66 -17.81 -5.49
C VAL E 2 -16.34 -19.07 -6.26
N GLN E 3 -17.19 -20.08 -6.10
CA GLN E 3 -17.08 -21.32 -6.85
C GLN E 3 -18.44 -21.70 -7.44
N LEU E 4 -18.42 -22.13 -8.71
CA LEU E 4 -19.59 -22.65 -9.40
C LEU E 4 -19.16 -23.99 -9.91
N GLN E 5 -19.71 -25.03 -9.29
CA GLN E 5 -19.30 -26.40 -9.57
C GLN E 5 -20.38 -27.08 -10.37
N GLN E 6 -20.04 -27.38 -11.63
CA GLN E 6 -20.99 -28.02 -12.53
C GLN E 6 -20.87 -29.54 -12.53
N SER E 7 -22.02 -30.18 -12.78
CA SER E 7 -22.10 -31.64 -12.86
C SER E 7 -21.41 -32.20 -14.09
N GLY E 8 -21.19 -33.52 -14.09
CA GLY E 8 -20.34 -34.13 -15.07
C GLY E 8 -20.97 -34.46 -16.41
N ALA E 9 -20.18 -35.10 -17.27
CA ALA E 9 -20.53 -35.26 -18.66
C ALA E 9 -21.75 -36.15 -18.84
N GLU E 10 -22.54 -35.81 -19.83
CA GLU E 10 -23.71 -36.61 -20.20
C GLU E 10 -23.49 -37.16 -21.59
N LEU E 11 -23.78 -38.45 -21.77
CA LEU E 11 -23.73 -39.06 -23.09
C LEU E 11 -25.08 -39.78 -23.21
N VAL E 12 -25.97 -39.26 -24.04
CA VAL E 12 -27.40 -39.62 -24.02
C VAL E 12 -27.97 -39.75 -25.42
N ARG E 13 -29.02 -40.57 -25.55
CA ARG E 13 -29.67 -40.76 -26.85
C ARG E 13 -30.56 -39.58 -27.22
N PRO E 14 -30.74 -39.37 -28.55
CA PRO E 14 -31.67 -38.32 -28.91
C PRO E 14 -33.09 -38.60 -28.38
N GLY E 15 -33.82 -37.53 -28.12
CA GLY E 15 -35.21 -37.61 -27.68
C GLY E 15 -35.35 -37.69 -26.18
N THR E 16 -34.24 -37.87 -25.47
CA THR E 16 -34.25 -37.94 -23.99
C THR E 16 -34.06 -36.51 -23.42
N SER E 17 -34.01 -36.43 -22.08
CA SER E 17 -33.81 -35.17 -21.41
C SER E 17 -32.66 -35.35 -20.45
N VAL E 18 -31.95 -34.25 -20.16
CA VAL E 18 -30.92 -34.28 -19.10
C VAL E 18 -31.14 -33.07 -18.22
N LYS E 19 -30.70 -33.18 -16.98
CA LYS E 19 -30.75 -32.09 -16.03
CA LYS E 19 -30.76 -32.09 -16.03
C LYS E 19 -29.38 -31.99 -15.39
N MET E 20 -28.75 -30.83 -15.55
CA MET E 20 -27.43 -30.57 -15.00
C MET E 20 -27.52 -29.53 -13.91
N SER E 21 -26.50 -29.54 -13.06
CA SER E 21 -26.45 -28.71 -11.89
C SER E 21 -25.26 -27.79 -11.86
N CYS E 22 -25.41 -26.71 -11.10
CA CYS E 22 -24.42 -25.66 -10.93
C CYS E 22 -24.48 -25.25 -9.47
N LYS E 23 -23.59 -25.83 -8.67
CA LYS E 23 -23.61 -25.62 -7.20
C LYS E 23 -22.72 -24.43 -6.84
N ALA E 24 -23.33 -23.44 -6.21
CA ALA E 24 -22.69 -22.18 -5.89
C ALA E 24 -22.14 -22.17 -4.47
N ALA E 25 -20.96 -21.58 -4.33
CA ALA E 25 -20.36 -21.35 -3.02
C ALA E 25 -19.62 -20.04 -3.00
N GLY E 26 -19.47 -19.50 -1.80
CA GLY E 26 -18.60 -18.35 -1.57
C GLY E 26 -19.24 -17.01 -1.73
N TYR E 27 -20.55 -16.98 -1.87
CA TYR E 27 -21.29 -15.76 -1.95
C TYR E 27 -22.75 -16.06 -1.60
N THR E 28 -23.55 -15.01 -1.46
CA THR E 28 -24.97 -15.17 -1.12
C THR E 28 -25.79 -15.58 -2.35
N PHE E 29 -26.14 -16.86 -2.41
CA PHE E 29 -26.81 -17.46 -3.59
C PHE E 29 -28.09 -16.71 -3.99
N THR E 30 -28.87 -16.28 -3.01
CA THR E 30 -30.15 -15.64 -3.29
C THR E 30 -30.06 -14.15 -3.65
N LYS E 31 -28.85 -13.61 -3.83
CA LYS E 31 -28.69 -12.23 -4.17
C LYS E 31 -28.39 -11.95 -5.64
N TYR E 32 -27.95 -12.96 -6.40
CA TYR E 32 -27.39 -12.71 -7.77
C TYR E 32 -28.04 -13.61 -8.81
N TRP E 33 -28.26 -13.05 -10.00
CA TRP E 33 -28.63 -13.85 -11.17
C TRP E 33 -27.55 -14.84 -11.53
N ILE E 34 -27.99 -15.98 -12.05
CA ILE E 34 -27.11 -16.97 -12.69
CA ILE E 34 -27.11 -16.95 -12.69
C ILE E 34 -27.55 -17.09 -14.12
N GLY E 35 -26.60 -16.89 -15.04
CA GLY E 35 -26.83 -17.04 -16.47
C GLY E 35 -26.28 -18.34 -16.99
N TRP E 36 -26.84 -18.80 -18.10
CA TRP E 36 -26.41 -20.05 -18.76
C TRP E 36 -26.07 -19.78 -20.20
N VAL E 37 -24.99 -20.40 -20.65
CA VAL E 37 -24.36 -20.14 -21.96
C VAL E 37 -24.03 -21.49 -22.64
N LYS E 38 -24.26 -21.58 -23.94
CA LYS E 38 -24.03 -22.77 -24.75
C LYS E 38 -22.81 -22.50 -25.64
N GLN E 39 -21.89 -23.47 -25.66
CA GLN E 39 -20.70 -23.37 -26.52
C GLN E 39 -20.69 -24.63 -27.36
N ARG E 40 -20.96 -24.44 -28.62
CA ARG E 40 -21.03 -25.52 -29.56
C ARG E 40 -19.97 -25.18 -30.61
N PRO E 41 -19.19 -26.18 -30.95
CA PRO E 41 -18.23 -26.02 -32.02
C PRO E 41 -18.80 -25.42 -33.32
N GLY E 42 -18.12 -24.41 -33.85
CA GLY E 42 -18.60 -23.65 -34.99
C GLY E 42 -19.65 -22.60 -34.71
N HIS E 43 -20.12 -22.52 -33.46
CA HIS E 43 -21.22 -21.63 -33.13
C HIS E 43 -20.92 -20.74 -31.92
N GLY E 44 -19.65 -20.51 -31.63
CA GLY E 44 -19.27 -19.50 -30.66
C GLY E 44 -19.91 -19.75 -29.31
N LEU E 45 -20.40 -18.66 -28.73
CA LEU E 45 -21.13 -18.69 -27.45
C LEU E 45 -22.53 -18.13 -27.68
N GLU E 46 -23.52 -18.78 -27.06
CA GLU E 46 -24.91 -18.37 -27.19
C GLU E 46 -25.49 -18.29 -25.77
N TRP E 47 -26.24 -17.23 -25.47
CA TRP E 47 -26.86 -17.05 -24.14
C TRP E 47 -28.26 -17.72 -24.11
N ILE E 48 -28.48 -18.52 -23.10
CA ILE E 48 -29.71 -19.33 -22.99
C ILE E 48 -30.75 -18.60 -22.17
N GLY E 49 -30.37 -18.04 -21.02
CA GLY E 49 -31.31 -17.43 -20.08
C GLY E 49 -30.64 -17.20 -18.77
N ASP E 50 -31.38 -16.60 -17.86
CA ASP E 50 -30.89 -16.41 -16.49
C ASP E 50 -32.02 -16.64 -15.48
N ILE E 51 -31.58 -16.90 -14.25
CA ILE E 51 -32.51 -17.15 -13.15
C ILE E 51 -32.04 -16.42 -11.93
N HIS E 52 -33.00 -15.91 -11.13
CA HIS E 52 -32.67 -15.32 -9.87
C HIS E 52 -33.13 -16.26 -8.75
N PRO E 53 -32.17 -16.82 -7.97
CA PRO E 53 -32.62 -17.73 -6.94
C PRO E 53 -33.41 -17.12 -5.82
N GLY E 54 -33.34 -15.82 -5.67
CA GLY E 54 -34.14 -15.13 -4.67
C GLY E 54 -35.62 -15.05 -5.03
N SER E 55 -35.97 -15.17 -6.30
CA SER E 55 -37.36 -15.12 -6.72
C SER E 55 -37.82 -16.36 -7.48
N PHE E 56 -36.87 -17.24 -7.86
CA PHE E 56 -37.12 -18.37 -8.76
C PHE E 56 -37.68 -17.98 -10.12
N TYR E 57 -37.36 -16.76 -10.54
CA TYR E 57 -37.82 -16.27 -11.81
C TYR E 57 -36.72 -16.40 -12.85
N SER E 58 -37.13 -16.82 -14.02
CA SER E 58 -36.22 -17.04 -15.15
CA SER E 58 -36.21 -17.03 -15.14
C SER E 58 -36.60 -16.19 -16.36
N ASN E 59 -35.59 -15.70 -17.05
CA ASN E 59 -35.74 -15.01 -18.35
C ASN E 59 -35.00 -15.83 -19.39
N TYR E 60 -35.65 -16.12 -20.51
CA TYR E 60 -35.09 -16.96 -21.53
C TYR E 60 -34.87 -16.21 -22.83
N ASN E 61 -33.79 -16.55 -23.51
CA ASN E 61 -33.68 -16.32 -24.94
C ASN E 61 -34.82 -17.13 -25.62
N GLU E 62 -35.66 -16.47 -26.41
CA GLU E 62 -36.73 -17.15 -27.09
C GLU E 62 -36.29 -18.36 -27.88
N LYS E 63 -35.03 -18.33 -28.39
CA LYS E 63 -34.48 -19.47 -29.14
C LYS E 63 -34.46 -20.76 -28.33
N PHE E 64 -34.43 -20.65 -27.00
CA PHE E 64 -34.38 -21.83 -26.09
C PHE E 64 -35.69 -22.11 -25.36
N LYS E 65 -36.75 -21.34 -25.65
CA LYS E 65 -38.04 -21.65 -25.03
C LYS E 65 -38.49 -23.04 -25.47
N GLY E 66 -38.88 -23.85 -24.48
CA GLY E 66 -39.25 -25.24 -24.74
C GLY E 66 -38.11 -26.23 -24.88
N LYS E 67 -36.88 -25.72 -24.95
CA LYS E 67 -35.69 -26.54 -24.93
C LYS E 67 -35.07 -26.56 -23.53
N ALA E 68 -34.83 -25.38 -22.95
CA ALA E 68 -34.19 -25.25 -21.65
C ALA E 68 -35.15 -24.83 -20.59
N THR E 69 -34.99 -25.40 -19.40
CA THR E 69 -35.78 -25.00 -18.23
C THR E 69 -34.81 -24.75 -17.07
N LEU E 70 -34.87 -23.54 -16.52
CA LEU E 70 -33.99 -23.14 -15.43
C LEU E 70 -34.72 -23.21 -14.12
N THR E 71 -34.04 -23.79 -13.12
CA THR E 71 -34.59 -23.87 -11.75
C THR E 71 -33.49 -23.59 -10.74
N ALA E 72 -33.88 -23.44 -9.50
CA ALA E 72 -32.94 -23.24 -8.44
C ALA E 72 -33.52 -23.82 -7.17
N ASP E 73 -32.61 -24.18 -6.28
CA ASP E 73 -32.95 -24.74 -4.99
C ASP E 73 -32.11 -24.01 -3.95
N THR E 74 -32.78 -23.38 -2.96
CA THR E 74 -32.01 -22.64 -2.01
C THR E 74 -31.44 -23.48 -0.87
N SER E 75 -31.90 -24.71 -0.69
N SER E 75 -31.93 -24.71 -0.72
CA SER E 75 -31.32 -25.52 0.39
CA SER E 75 -31.42 -25.59 0.35
C SER E 75 -29.93 -25.96 -0.02
C SER E 75 -30.03 -26.11 0.00
N SER E 76 -29.76 -26.32 -1.29
CA SER E 76 -28.48 -26.82 -1.79
C SER E 76 -27.65 -25.73 -2.47
N SER E 77 -28.18 -24.51 -2.57
CA SER E 77 -27.53 -23.42 -3.32
C SER E 77 -27.09 -23.87 -4.70
N THR E 78 -28.02 -24.49 -5.41
CA THR E 78 -27.75 -25.06 -6.71
C THR E 78 -28.76 -24.54 -7.71
N ALA E 79 -28.23 -24.14 -8.87
CA ALA E 79 -29.05 -23.83 -10.03
C ALA E 79 -29.00 -25.03 -10.98
N TYR E 80 -30.09 -25.25 -11.71
CA TYR E 80 -30.19 -26.39 -12.60
C TYR E 80 -30.67 -25.95 -13.95
N MET E 81 -30.27 -26.71 -14.98
CA MET E 81 -30.80 -26.53 -16.31
C MET E 81 -31.19 -27.91 -16.86
N GLN E 82 -32.47 -28.03 -17.25
CA GLN E 82 -32.96 -29.18 -17.96
C GLN E 82 -33.01 -28.86 -19.43
N LEU E 83 -32.55 -29.79 -20.25
CA LEU E 83 -32.68 -29.72 -21.69
C LEU E 83 -33.59 -30.87 -22.09
N SER E 84 -34.65 -30.55 -22.84
CA SER E 84 -35.63 -31.52 -23.24
C SER E 84 -35.50 -31.90 -24.71
N SER E 85 -36.05 -33.07 -25.07
CA SER E 85 -36.14 -33.55 -26.46
C SER E 85 -34.81 -33.37 -27.21
N LEU E 86 -33.78 -34.01 -26.67
CA LEU E 86 -32.46 -33.75 -27.12
C LEU E 86 -32.25 -34.18 -28.58
N THR E 87 -31.46 -33.39 -29.33
CA THR E 87 -31.03 -33.72 -30.68
C THR E 87 -29.55 -33.37 -30.80
N SER E 88 -28.99 -33.74 -31.93
CA SER E 88 -27.58 -33.52 -32.18
C SER E 88 -27.17 -32.02 -32.00
N GLU E 89 -28.04 -31.06 -32.32
CA GLU E 89 -27.70 -29.64 -32.16
C GLU E 89 -27.57 -29.22 -30.72
N ASP E 90 -27.96 -30.10 -29.80
CA ASP E 90 -27.80 -29.86 -28.37
C ASP E 90 -26.44 -30.34 -27.85
N SER E 91 -25.65 -31.05 -28.64
CA SER E 91 -24.34 -31.47 -28.17
C SER E 91 -23.48 -30.24 -28.05
N ALA E 92 -22.98 -29.96 -26.85
CA ALA E 92 -22.30 -28.70 -26.55
C ALA E 92 -21.76 -28.74 -25.16
N ILE E 93 -20.95 -27.72 -24.82
CA ILE E 93 -20.59 -27.42 -23.45
C ILE E 93 -21.55 -26.33 -22.97
N TYR E 94 -22.08 -26.53 -21.77
CA TYR E 94 -23.01 -25.60 -21.15
C TYR E 94 -22.38 -25.04 -19.89
N TYR E 95 -22.36 -23.72 -19.74
CA TYR E 95 -21.79 -23.03 -18.58
C TYR E 95 -22.89 -22.38 -17.79
N CYS E 96 -22.71 -22.35 -16.47
CA CYS E 96 -23.40 -21.35 -15.65
C CYS E 96 -22.39 -20.26 -15.29
N ALA E 97 -22.88 -19.05 -15.01
CA ALA E 97 -22.04 -17.92 -14.66
C ALA E 97 -22.80 -17.03 -13.69
N ARG E 98 -22.11 -16.48 -12.70
CA ARG E 98 -22.75 -15.54 -11.80
C ARG E 98 -22.70 -14.13 -12.39
N ASP E 99 -23.86 -13.48 -12.37
CA ASP E 99 -24.01 -12.10 -12.84
C ASP E 99 -23.73 -11.19 -11.65
N TYR E 100 -22.58 -10.51 -11.67
CA TYR E 100 -22.20 -9.60 -10.60
C TYR E 100 -22.32 -8.18 -11.11
N TYR E 101 -23.47 -7.55 -10.89
CA TYR E 101 -23.68 -6.18 -11.36
C TYR E 101 -23.43 -6.05 -12.86
N THR E 102 -23.92 -7.06 -13.60
CA THR E 102 -23.80 -7.20 -15.07
C THR E 102 -22.55 -7.89 -15.53
N ASN E 103 -21.57 -8.09 -14.65
CA ASN E 103 -20.32 -8.75 -15.01
C ASN E 103 -20.43 -10.27 -14.88
N TYR E 104 -20.27 -11.01 -15.96
CA TYR E 104 -20.11 -12.49 -15.84
C TYR E 104 -18.62 -12.77 -15.57
N GLY E 105 -18.22 -12.55 -14.33
CA GLY E 105 -16.85 -12.77 -13.90
C GLY E 105 -16.56 -14.17 -13.39
N ASP E 106 -17.55 -14.81 -12.80
CA ASP E 106 -17.41 -16.16 -12.22
C ASP E 106 -18.15 -17.14 -13.13
N TRP E 107 -17.42 -18.15 -13.61
CA TRP E 107 -17.98 -19.16 -14.50
C TRP E 107 -17.77 -20.54 -13.88
N GLY E 108 -18.74 -21.40 -14.10
CA GLY E 108 -18.50 -22.81 -13.90
C GLY E 108 -17.56 -23.35 -14.93
N GLN E 109 -17.16 -24.60 -14.74
CA GLN E 109 -16.19 -25.24 -15.64
C GLN E 109 -16.76 -25.77 -16.91
N GLY E 110 -18.10 -25.76 -16.98
CA GLY E 110 -18.84 -26.31 -18.11
C GLY E 110 -19.27 -27.73 -17.88
N THR E 111 -20.46 -28.10 -18.39
CA THR E 111 -20.94 -29.48 -18.48
C THR E 111 -21.05 -29.84 -19.95
N SER E 112 -20.44 -30.97 -20.31
CA SER E 112 -20.53 -31.50 -21.67
C SER E 112 -21.72 -32.42 -21.87
N VAL E 113 -22.51 -32.12 -22.88
CA VAL E 113 -23.62 -32.99 -23.29
C VAL E 113 -23.34 -33.45 -24.71
N THR E 114 -23.34 -34.78 -24.88
CA THR E 114 -23.18 -35.37 -26.20
C THR E 114 -24.40 -36.23 -26.48
N VAL E 115 -25.09 -35.92 -27.56
CA VAL E 115 -26.26 -36.68 -27.97
C VAL E 115 -25.86 -37.69 -29.04
N SER E 116 -26.08 -38.99 -28.76
CA SER E 116 -25.86 -40.04 -29.74
C SER E 116 -26.66 -41.30 -29.39
N SER E 138 -35.66 -8.00 -33.15
CA SER E 138 -35.24 -6.93 -32.25
C SER E 138 -33.99 -7.25 -31.40
N ASP E 139 -33.43 -8.45 -31.53
CA ASP E 139 -32.24 -8.78 -30.73
C ASP E 139 -31.08 -7.93 -31.18
N ILE E 140 -30.18 -7.63 -30.24
CA ILE E 140 -28.99 -6.85 -30.59
C ILE E 140 -27.99 -7.80 -31.24
N VAL E 141 -27.53 -7.44 -32.43
CA VAL E 141 -26.57 -8.28 -33.17
C VAL E 141 -25.18 -7.76 -32.92
N MET E 142 -24.32 -8.64 -32.40
CA MET E 142 -22.92 -8.32 -32.12
C MET E 142 -22.08 -8.95 -33.20
N THR E 143 -21.24 -8.15 -33.83
CA THR E 143 -20.41 -8.63 -34.92
C THR E 143 -18.93 -8.47 -34.59
N GLN E 144 -18.14 -9.47 -34.97
CA GLN E 144 -16.70 -9.45 -34.93
C GLN E 144 -16.24 -9.83 -36.31
N ALA E 145 -15.93 -8.82 -37.10
CA ALA E 145 -15.68 -9.04 -38.52
C ALA E 145 -14.51 -9.96 -38.78
N ALA E 146 -13.46 -9.90 -37.96
CA ALA E 146 -12.28 -10.71 -38.21
C ALA E 146 -12.38 -12.06 -37.55
N PRO E 147 -12.33 -13.16 -38.31
CA PRO E 147 -12.32 -14.46 -37.62
C PRO E 147 -11.03 -14.70 -36.84
N SER E 148 -9.92 -14.06 -37.26
CA SER E 148 -8.64 -14.23 -36.58
C SER E 148 -7.76 -13.02 -36.72
N VAL E 149 -6.80 -12.92 -35.83
CA VAL E 149 -5.70 -11.97 -35.94
C VAL E 149 -4.42 -12.72 -35.66
N SER E 150 -3.36 -12.37 -36.38
CA SER E 150 -2.05 -13.04 -36.31
C SER E 150 -1.02 -11.98 -36.00
N VAL E 151 -0.26 -12.18 -34.93
CA VAL E 151 0.59 -11.20 -34.38
C VAL E 151 1.97 -11.85 -34.08
N THR E 152 3.06 -11.14 -34.27
CA THR E 152 4.35 -11.54 -33.73
C THR E 152 4.36 -11.32 -32.22
N PRO E 153 4.87 -12.30 -31.44
CA PRO E 153 4.94 -12.11 -29.99
C PRO E 153 5.61 -10.78 -29.65
N GLY E 154 5.03 -10.02 -28.72
CA GLY E 154 5.59 -8.78 -28.23
C GLY E 154 5.01 -7.55 -28.89
N GLU E 155 4.29 -7.75 -30.00
CA GLU E 155 3.60 -6.65 -30.70
C GLU E 155 2.23 -6.43 -30.07
N SER E 156 1.65 -5.29 -30.41
CA SER E 156 0.28 -4.97 -30.06
C SER E 156 -0.71 -5.44 -31.09
N VAL E 157 -1.95 -5.61 -30.66
CA VAL E 157 -3.04 -5.92 -31.58
C VAL E 157 -4.34 -5.23 -31.12
N SER E 158 -5.22 -4.97 -32.10
CA SER E 158 -6.55 -4.41 -31.89
C SER E 158 -7.57 -5.42 -32.44
N ILE E 159 -8.62 -5.69 -31.65
CA ILE E 159 -9.71 -6.56 -32.06
C ILE E 159 -10.99 -5.72 -32.00
N SER E 160 -11.73 -5.73 -33.11
CA SER E 160 -12.94 -4.93 -33.25
C SER E 160 -14.23 -5.73 -33.02
N CYS E 161 -15.21 -5.05 -32.46
CA CYS E 161 -16.55 -5.57 -32.29
C CYS E 161 -17.51 -4.43 -32.58
N ARG E 162 -18.69 -4.77 -33.09
CA ARG E 162 -19.71 -3.78 -33.29
C ARG E 162 -21.08 -4.31 -32.80
N SER E 163 -21.96 -3.38 -32.49
CA SER E 163 -23.31 -3.69 -32.10
C SER E 163 -24.31 -3.06 -33.08
N SER E 164 -25.47 -3.70 -33.24
CA SER E 164 -26.50 -3.19 -34.15
C SER E 164 -27.31 -2.04 -33.57
N LYS E 165 -27.20 -1.87 -32.25
CA LYS E 165 -27.84 -0.80 -31.51
C LYS E 165 -26.81 -0.28 -30.51
N SER E 166 -26.92 0.99 -30.10
CA SER E 166 -26.01 1.54 -29.10
C SER E 166 -26.13 0.76 -27.82
N LEU E 167 -24.96 0.51 -27.21
CA LEU E 167 -24.89 -0.14 -25.90
C LEU E 167 -24.72 0.87 -24.78
N LEU E 168 -24.77 2.16 -25.12
CA LEU E 168 -24.70 3.23 -24.11
C LEU E 168 -26.03 3.30 -23.35
N HIS E 169 -25.95 3.18 -22.04
CA HIS E 169 -27.11 3.25 -21.18
C HIS E 169 -27.30 4.71 -20.72
N ARG E 170 -28.52 5.02 -20.34
CA ARG E 170 -28.77 6.34 -19.77
C ARG E 170 -27.92 6.66 -18.53
N ASN E 171 -27.48 5.64 -17.79
CA ASN E 171 -26.60 5.90 -16.61
C ASN E 171 -25.18 6.28 -16.97
N GLY E 172 -24.87 6.31 -18.27
CA GLY E 172 -23.57 6.75 -18.75
C GLY E 172 -22.60 5.62 -19.02
N ASN E 173 -22.90 4.41 -18.53
CA ASN E 173 -22.07 3.22 -18.80
C ASN E 173 -22.45 2.56 -20.11
N THR E 174 -21.48 1.90 -20.73
CA THR E 174 -21.71 1.16 -21.97
C THR E 174 -21.56 -0.35 -21.67
N TYR E 175 -22.64 -1.10 -21.95
CA TYR E 175 -22.71 -2.48 -21.47
C TYR E 175 -22.16 -3.47 -22.48
N LEU E 176 -20.88 -3.29 -22.74
CA LEU E 176 -20.07 -4.12 -23.62
C LEU E 176 -19.01 -4.83 -22.80
N PHE E 177 -18.82 -6.12 -23.04
CA PHE E 177 -17.89 -6.91 -22.30
C PHE E 177 -16.99 -7.68 -23.25
N TRP E 178 -15.76 -7.92 -22.84
CA TRP E 178 -14.80 -8.72 -23.59
C TRP E 178 -14.38 -9.94 -22.74
N PHE E 179 -14.35 -11.10 -23.39
CA PHE E 179 -13.91 -12.35 -22.80
C PHE E 179 -12.83 -13.01 -23.64
N LEU E 180 -11.91 -13.72 -22.98
CA LEU E 180 -10.95 -14.59 -23.64
C LEU E 180 -11.36 -16.03 -23.28
N GLN E 181 -11.45 -16.90 -24.27
CA GLN E 181 -11.63 -18.30 -24.04
C GLN E 181 -10.46 -19.06 -24.63
N ARG E 182 -9.60 -19.56 -23.73
CA ARG E 182 -8.48 -20.39 -24.14
C ARG E 182 -8.98 -21.79 -24.38
N PRO E 183 -8.21 -22.56 -25.13
CA PRO E 183 -8.74 -23.88 -25.47
C PRO E 183 -9.00 -24.77 -24.25
N GLY E 184 -10.18 -25.34 -24.23
CA GLY E 184 -10.62 -26.22 -23.15
C GLY E 184 -10.96 -25.57 -21.83
N GLN E 185 -10.99 -24.24 -21.80
CA GLN E 185 -11.26 -23.50 -20.60
C GLN E 185 -12.58 -22.74 -20.69
N SER E 186 -13.09 -22.32 -19.53
CA SER E 186 -14.23 -21.45 -19.49
CA SER E 186 -14.23 -21.43 -19.49
C SER E 186 -13.82 -20.05 -19.96
N PRO E 187 -14.77 -19.27 -20.44
CA PRO E 187 -14.44 -17.88 -20.77
C PRO E 187 -13.95 -17.13 -19.52
N GLN E 188 -13.05 -16.18 -19.73
CA GLN E 188 -12.49 -15.30 -18.71
C GLN E 188 -12.90 -13.88 -19.05
N LEU E 189 -13.52 -13.18 -18.11
CA LEU E 189 -13.84 -11.77 -18.30
C LEU E 189 -12.56 -10.93 -18.28
N LEU E 190 -12.34 -10.15 -19.34
CA LEU E 190 -11.18 -9.25 -19.45
C LEU E 190 -11.52 -7.80 -19.17
N ILE E 191 -12.59 -7.33 -19.81
CA ILE E 191 -13.01 -5.93 -19.79
C ILE E 191 -14.50 -5.88 -19.57
N TYR E 192 -14.90 -5.08 -18.59
CA TYR E 192 -16.30 -4.90 -18.30
C TYR E 192 -16.76 -3.46 -18.53
N ARG E 193 -18.01 -3.32 -18.97
CA ARG E 193 -18.56 -2.00 -19.27
C ARG E 193 -17.59 -1.17 -20.15
N MET E 194 -17.15 -1.79 -21.22
CA MET E 194 -16.41 -1.22 -22.33
C MET E 194 -14.95 -0.96 -22.07
N SER E 195 -14.62 -0.42 -20.91
CA SER E 195 -13.30 0.13 -20.67
C SER E 195 -12.65 -0.25 -19.34
N ASN E 196 -13.29 -1.07 -18.51
CA ASN E 196 -12.76 -1.37 -17.17
C ASN E 196 -12.08 -2.73 -17.15
N LEU E 197 -10.87 -2.75 -16.65
CA LEU E 197 -10.06 -3.96 -16.55
C LEU E 197 -10.60 -4.81 -15.40
N ALA E 198 -10.89 -6.07 -15.69
CA ALA E 198 -11.41 -6.97 -14.69
C ALA E 198 -10.28 -7.38 -13.70
N SER E 199 -10.71 -7.78 -12.49
CA SER E 199 -9.73 -8.18 -11.46
C SER E 199 -8.85 -9.35 -11.98
N GLY E 200 -7.55 -9.23 -11.74
CA GLY E 200 -6.55 -10.23 -12.17
C GLY E 200 -6.10 -10.18 -13.61
N VAL E 201 -6.68 -9.28 -14.41
CA VAL E 201 -6.29 -9.20 -15.80
C VAL E 201 -5.09 -8.23 -15.92
N PRO E 202 -4.06 -8.61 -16.67
CA PRO E 202 -2.91 -7.72 -16.81
C PRO E 202 -3.26 -6.41 -17.52
N ASP E 203 -2.53 -5.35 -17.16
CA ASP E 203 -2.75 -4.04 -17.76
C ASP E 203 -2.26 -3.90 -19.20
N ARG E 204 -1.81 -5.00 -19.78
CA ARG E 204 -1.65 -5.13 -21.23
C ARG E 204 -2.99 -5.08 -21.99
N PHE E 205 -4.09 -5.37 -21.31
CA PHE E 205 -5.42 -5.31 -21.89
C PHE E 205 -6.07 -3.97 -21.63
N SER E 206 -6.77 -3.42 -22.64
CA SER E 206 -7.59 -2.21 -22.47
C SER E 206 -8.74 -2.21 -23.46
N GLY E 207 -9.76 -1.41 -23.21
CA GLY E 207 -10.90 -1.34 -24.11
C GLY E 207 -11.38 0.09 -24.26
N SER E 208 -11.91 0.37 -25.46
CA SER E 208 -12.47 1.65 -25.75
C SER E 208 -13.63 1.48 -26.71
N GLY E 209 -14.36 2.54 -26.98
CA GLY E 209 -15.40 2.45 -27.97
C GLY E 209 -16.31 3.66 -28.01
N SER E 210 -17.17 3.63 -29.02
CA SER E 210 -18.29 4.57 -29.19
C SER E 210 -19.46 3.82 -28.61
N GLY E 211 -20.69 4.20 -28.96
CA GLY E 211 -21.89 3.45 -28.63
C GLY E 211 -22.10 2.14 -29.38
N THR E 212 -21.47 2.01 -30.54
CA THR E 212 -21.70 0.88 -31.42
C THR E 212 -20.45 0.21 -32.00
N ALA E 213 -19.27 0.78 -31.75
CA ALA E 213 -18.03 0.23 -32.23
C ALA E 213 -17.02 0.20 -31.09
N PHE E 214 -16.40 -0.95 -30.90
CA PHE E 214 -15.60 -1.17 -29.75
C PHE E 214 -14.28 -1.81 -30.16
N THR E 215 -13.23 -1.52 -29.37
CA THR E 215 -11.89 -2.08 -29.65
C THR E 215 -11.26 -2.61 -28.37
N LEU E 216 -10.86 -3.87 -28.41
CA LEU E 216 -9.99 -4.44 -27.37
C LEU E 216 -8.56 -4.33 -27.89
N ARG E 217 -7.68 -3.75 -27.06
CA ARG E 217 -6.30 -3.62 -27.40
CA ARG E 217 -6.30 -3.59 -27.40
C ARG E 217 -5.47 -4.45 -26.44
N ILE E 218 -4.52 -5.18 -27.00
CA ILE E 218 -3.57 -5.98 -26.22
C ILE E 218 -2.20 -5.52 -26.58
N SER E 219 -1.47 -5.01 -25.61
CA SER E 219 -0.04 -4.76 -25.83
C SER E 219 0.84 -5.98 -25.46
N ARG E 220 2.02 -6.07 -26.03
CA ARG E 220 2.98 -7.10 -25.74
C ARG E 220 2.32 -8.46 -25.73
N VAL E 221 1.71 -8.80 -26.83
CA VAL E 221 0.99 -10.08 -26.93
C VAL E 221 1.93 -11.25 -26.57
N GLU E 222 1.41 -12.19 -25.80
CA GLU E 222 2.17 -13.33 -25.33
C GLU E 222 1.33 -14.59 -25.44
N ALA E 223 1.96 -15.74 -25.22
CA ALA E 223 1.33 -17.04 -25.41
C ALA E 223 0.05 -17.20 -24.58
N GLU E 224 0.03 -16.66 -23.37
CA GLU E 224 -1.13 -16.76 -22.51
C GLU E 224 -2.36 -16.12 -23.10
N ASP E 225 -2.15 -15.24 -24.09
CA ASP E 225 -3.22 -14.49 -24.72
C ASP E 225 -3.88 -15.24 -25.85
N VAL E 226 -3.27 -16.37 -26.25
CA VAL E 226 -3.80 -17.15 -27.37
C VAL E 226 -5.13 -17.84 -27.02
N GLY E 227 -6.12 -17.64 -27.86
CA GLY E 227 -7.43 -18.20 -27.67
C GLY E 227 -8.43 -17.42 -28.46
N VAL E 228 -9.71 -17.49 -28.15
CA VAL E 228 -10.75 -16.78 -28.86
C VAL E 228 -11.28 -15.65 -28.00
N TYR E 229 -11.34 -14.46 -28.60
CA TYR E 229 -11.86 -13.27 -27.92
C TYR E 229 -13.30 -13.03 -28.35
N TYR E 230 -14.21 -12.89 -27.38
CA TYR E 230 -15.60 -12.64 -27.65
C TYR E 230 -16.00 -11.33 -27.03
N CYS E 231 -16.80 -10.54 -27.76
CA CYS E 231 -17.51 -9.45 -27.12
C CYS E 231 -18.93 -9.92 -26.82
N MET E 232 -19.58 -9.23 -25.89
CA MET E 232 -20.93 -9.54 -25.49
C MET E 232 -21.63 -8.29 -25.03
N GLN E 233 -22.91 -8.17 -25.29
CA GLN E 233 -23.70 -7.11 -24.72
C GLN E 233 -24.55 -7.63 -23.58
N HIS E 234 -24.63 -6.79 -22.53
CA HIS E 234 -25.51 -7.06 -21.38
C HIS E 234 -26.43 -5.84 -21.19
N LEU E 235 -26.81 -5.19 -22.30
CA LEU E 235 -27.81 -4.11 -22.21
C LEU E 235 -29.24 -4.65 -22.12
N GLU E 236 -29.61 -5.51 -23.04
CA GLU E 236 -30.97 -5.97 -23.19
C GLU E 236 -31.05 -7.45 -23.42
N TYR E 237 -32.06 -8.07 -22.80
CA TYR E 237 -32.36 -9.44 -23.12
C TYR E 237 -32.81 -9.60 -24.57
N PRO E 238 -32.44 -10.70 -25.25
CA PRO E 238 -31.48 -11.72 -24.78
C PRO E 238 -30.07 -11.20 -24.92
N TYR E 239 -29.19 -11.53 -23.97
CA TYR E 239 -27.81 -11.16 -24.13
C TYR E 239 -27.24 -11.90 -25.33
N THR E 240 -26.30 -11.22 -26.01
CA THR E 240 -25.78 -11.71 -27.27
C THR E 240 -24.28 -11.50 -27.35
N PHE E 241 -23.62 -12.46 -28.03
CA PHE E 241 -22.18 -12.50 -28.20
C PHE E 241 -21.81 -12.25 -29.66
N GLY E 242 -20.64 -11.66 -29.88
CA GLY E 242 -20.03 -11.69 -31.20
C GLY E 242 -19.55 -13.07 -31.57
N SER E 243 -19.15 -13.24 -32.83
CA SER E 243 -18.78 -14.53 -33.36
C SER E 243 -17.38 -15.00 -32.95
N GLY E 244 -16.61 -14.14 -32.30
CA GLY E 244 -15.28 -14.56 -31.82
C GLY E 244 -14.16 -14.23 -32.81
N THR E 245 -13.03 -13.77 -32.26
CA THR E 245 -11.85 -13.54 -33.05
C THR E 245 -10.71 -14.32 -32.39
N LYS E 246 -10.15 -15.26 -33.15
CA LYS E 246 -9.04 -16.11 -32.68
C LYS E 246 -7.72 -15.39 -32.78
N LEU E 247 -6.97 -15.29 -31.70
CA LEU E 247 -5.62 -14.71 -31.72
CA LEU E 247 -5.64 -14.72 -31.71
C LEU E 247 -4.61 -15.84 -31.91
N GLU E 248 -3.77 -15.65 -32.92
CA GLU E 248 -2.69 -16.57 -33.27
C GLU E 248 -1.38 -15.82 -33.18
N LEU E 249 -0.32 -16.56 -32.83
CA LEU E 249 1.03 -16.00 -32.80
C LEU E 249 1.79 -16.50 -34.02
N LYS E 250 2.52 -15.59 -34.64
CA LYS E 250 3.43 -15.97 -35.71
C LYS E 250 4.66 -16.62 -35.07
N VAL E 251 5.08 -17.76 -35.62
CA VAL E 251 6.26 -18.46 -35.13
C VAL E 251 7.37 -18.24 -36.18
N ASP F 1 -31.31 -1.30 -5.47
CA ASP F 1 -32.13 -2.48 -5.04
C ASP F 1 -31.92 -3.66 -5.98
N ILE F 2 -32.03 -4.87 -5.43
CA ILE F 2 -31.94 -6.09 -6.23
C ILE F 2 -33.15 -6.08 -7.13
N ASN F 3 -32.95 -6.38 -8.41
CA ASN F 3 -34.06 -6.56 -9.29
C ASN F 3 -34.25 -8.05 -9.46
N TYR F 4 -35.32 -8.55 -8.88
CA TYR F 4 -35.59 -9.95 -8.85
C TYR F 4 -36.19 -10.49 -10.10
N TYR F 5 -36.52 -9.60 -11.06
CA TYR F 5 -37.26 -10.03 -12.25
C TYR F 5 -36.57 -9.76 -13.59
N ALA F 6 -35.54 -8.90 -13.62
CA ALA F 6 -34.67 -8.79 -14.80
C ALA F 6 -33.28 -8.46 -14.32
N SER F 7 -32.28 -8.98 -15.04
CA SER F 7 -30.88 -8.68 -14.75
C SER F 7 -30.34 -7.48 -15.58
N GLU F 8 -31.19 -6.93 -16.44
CA GLU F 8 -30.82 -5.80 -17.29
C GLU F 8 -30.50 -4.60 -16.42
N PRO F 9 -29.47 -3.84 -16.77
CA PRO F 9 -29.16 -2.63 -16.01
C PRO F 9 -30.22 -1.54 -16.18
N VAL G 2 0.90 -16.15 31.74
CA VAL G 2 -0.43 -16.55 31.16
C VAL G 2 -0.25 -17.56 30.05
N GLN G 3 -1.03 -18.62 30.12
CA GLN G 3 -1.11 -19.56 29.06
C GLN G 3 -2.60 -19.64 28.80
N LEU G 4 -2.89 -19.52 27.54
CA LEU G 4 -4.15 -19.91 27.03
C LEU G 4 -3.76 -21.07 26.13
N GLN G 5 -4.14 -22.27 26.53
CA GLN G 5 -3.80 -23.49 25.82
C GLN G 5 -5.00 -24.07 25.11
N GLN G 6 -4.93 -24.21 23.79
CA GLN G 6 -6.04 -24.70 22.97
C GLN G 6 -5.90 -26.16 22.61
N SER G 7 -7.03 -26.78 22.31
CA SER G 7 -7.10 -28.17 21.92
C SER G 7 -6.77 -28.43 20.45
N GLY G 8 -6.75 -29.68 20.02
CA GLY G 8 -6.15 -30.02 18.73
C GLY G 8 -6.92 -29.89 17.44
N ALA G 9 -6.21 -30.10 16.33
CA ALA G 9 -6.79 -29.92 15.02
C ALA G 9 -7.94 -30.89 14.71
N GLU G 10 -8.84 -30.40 13.87
CA GLU G 10 -9.97 -31.14 13.36
C GLU G 10 -9.80 -31.16 11.86
N LEU G 11 -9.80 -32.36 11.30
CA LEU G 11 -10.08 -32.51 9.90
C LEU G 11 -11.38 -33.31 9.88
N VAL G 12 -12.35 -32.84 9.09
CA VAL G 12 -13.71 -33.37 9.17
C VAL G 12 -14.47 -33.24 7.87
N ARG G 13 -15.47 -34.12 7.68
CA ARG G 13 -16.32 -34.06 6.48
C ARG G 13 -17.32 -32.92 6.61
N PRO G 14 -17.78 -32.33 5.47
CA PRO G 14 -18.82 -31.33 5.59
C PRO G 14 -20.03 -31.81 6.44
N GLY G 15 -20.59 -30.90 7.23
CA GLY G 15 -21.75 -31.21 8.07
C GLY G 15 -21.42 -31.64 9.50
N THR G 16 -20.13 -31.83 9.77
CA THR G 16 -19.68 -32.20 11.08
C THR G 16 -19.82 -30.97 12.06
N SER G 17 -20.07 -31.26 13.34
CA SER G 17 -19.94 -30.25 14.44
C SER G 17 -18.70 -30.57 15.29
N VAL G 18 -17.98 -29.54 15.72
CA VAL G 18 -16.80 -29.74 16.58
C VAL G 18 -16.91 -28.84 17.80
N LYS G 19 -16.24 -29.23 18.89
CA LYS G 19 -16.15 -28.42 20.12
C LYS G 19 -14.69 -28.37 20.52
N MET G 20 -14.19 -27.16 20.68
CA MET G 20 -12.78 -26.94 21.00
C MET G 20 -12.68 -26.22 22.34
N SER G 21 -11.52 -26.37 22.99
CA SER G 21 -11.29 -25.78 24.28
C SER G 21 -10.12 -24.78 24.32
N CYS G 22 -10.15 -23.96 25.37
CA CYS G 22 -9.13 -22.94 25.63
C CYS G 22 -8.95 -22.88 27.13
N LYS G 23 -7.90 -23.56 27.63
CA LYS G 23 -7.59 -23.64 29.05
C LYS G 23 -6.73 -22.45 29.48
N ALA G 24 -7.21 -21.70 30.46
CA ALA G 24 -6.57 -20.50 30.99
C ALA G 24 -5.84 -20.65 32.31
N ALA G 25 -4.91 -19.74 32.56
CA ALA G 25 -4.14 -19.68 33.82
C ALA G 25 -3.43 -18.30 33.96
N GLY G 26 -3.11 -17.88 35.19
CA GLY G 26 -2.33 -16.64 35.45
C GLY G 26 -3.13 -15.36 35.68
N TYR G 27 -4.44 -15.45 35.76
CA TYR G 27 -5.25 -14.26 36.01
C TYR G 27 -6.60 -14.75 36.54
N THR G 28 -7.45 -13.82 36.99
CA THR G 28 -8.78 -14.19 37.48
C THR G 28 -9.69 -14.53 36.29
N PHE G 29 -9.88 -15.84 36.07
CA PHE G 29 -10.65 -16.37 34.91
C PHE G 29 -12.04 -15.77 34.85
N THR G 30 -12.68 -15.58 36.00
CA THR G 30 -14.02 -15.03 36.05
C THR G 30 -14.12 -13.51 35.90
N LYS G 31 -12.98 -12.84 35.69
CA LYS G 31 -12.98 -11.38 35.65
C LYS G 31 -12.93 -10.79 34.24
N TYR G 32 -12.41 -11.57 33.28
CA TYR G 32 -12.12 -11.08 31.92
C TYR G 32 -12.90 -11.80 30.83
N TRP G 33 -13.46 -10.99 29.90
CA TRP G 33 -13.99 -11.54 28.64
C TRP G 33 -12.94 -12.36 27.88
N ILE G 34 -13.41 -13.43 27.22
CA ILE G 34 -12.60 -14.20 26.31
C ILE G 34 -13.25 -14.09 24.94
N GLY G 35 -12.47 -13.64 23.97
CA GLY G 35 -12.98 -13.55 22.60
C GLY G 35 -12.44 -14.65 21.71
N TRP G 36 -13.18 -14.91 20.64
CA TRP G 36 -12.77 -15.89 19.68
C TRP G 36 -12.70 -15.32 18.28
N VAL G 37 -11.65 -15.76 17.57
CA VAL G 37 -11.28 -15.18 16.26
C VAL G 37 -10.98 -16.30 15.28
N LYS G 38 -11.46 -16.11 14.04
CA LYS G 38 -11.27 -17.03 12.92
C LYS G 38 -10.23 -16.45 11.95
N GLN G 39 -9.21 -17.26 11.65
CA GLN G 39 -8.19 -16.92 10.71
C GLN G 39 -8.29 -17.91 9.54
N ARG G 40 -8.91 -17.45 8.46
CA ARG G 40 -9.15 -18.29 7.29
CA ARG G 40 -9.20 -18.25 7.28
C ARG G 40 -8.28 -17.75 6.17
N PRO G 41 -7.50 -18.65 5.52
CA PRO G 41 -6.69 -18.17 4.42
C PRO G 41 -7.51 -17.40 3.39
N GLY G 42 -7.02 -16.22 3.03
CA GLY G 42 -7.66 -15.35 2.07
C GLY G 42 -8.69 -14.45 2.69
N HIS G 43 -8.95 -14.63 4.00
CA HIS G 43 -10.00 -13.87 4.70
C HIS G 43 -9.53 -13.28 6.02
N GLY G 44 -8.23 -13.00 6.10
CA GLY G 44 -7.63 -12.31 7.24
C GLY G 44 -8.08 -12.88 8.59
N LEU G 45 -8.60 -11.99 9.43
CA LEU G 45 -9.10 -12.31 10.76
C LEU G 45 -10.54 -11.86 10.89
N GLU G 46 -11.33 -12.66 11.58
CA GLU G 46 -12.76 -12.33 11.75
C GLU G 46 -13.17 -12.67 13.19
N TRP G 47 -13.92 -11.76 13.80
CA TRP G 47 -14.31 -11.92 15.21
C TRP G 47 -15.62 -12.65 15.34
N ILE G 48 -15.63 -13.69 16.15
CA ILE G 48 -16.80 -14.56 16.27
C ILE G 48 -17.76 -14.10 17.38
N GLY G 49 -17.20 -13.82 18.55
CA GLY G 49 -17.98 -13.52 19.73
C GLY G 49 -17.10 -13.50 20.96
N ASP G 50 -17.71 -13.15 22.10
CA ASP G 50 -17.00 -13.19 23.38
C ASP G 50 -17.90 -13.65 24.51
N ILE G 51 -17.26 -14.07 25.60
CA ILE G 51 -17.97 -14.61 26.74
C ILE G 51 -17.30 -14.15 28.00
N HIS G 52 -18.12 -13.89 29.01
CA HIS G 52 -17.62 -13.46 30.30
C HIS G 52 -17.81 -14.62 31.28
N PRO G 53 -16.71 -15.32 31.67
CA PRO G 53 -16.90 -16.51 32.50
C PRO G 53 -17.45 -16.25 33.89
N GLY G 54 -17.32 -15.03 34.42
CA GLY G 54 -17.95 -14.66 35.71
C GLY G 54 -19.45 -14.42 35.69
N SER G 55 -19.92 -13.65 34.72
CA SER G 55 -21.34 -13.28 34.60
C SER G 55 -22.14 -14.23 33.75
N PHE G 56 -21.43 -14.98 32.90
CA PHE G 56 -22.03 -15.97 31.99
C PHE G 56 -22.61 -15.32 30.72
N TYR G 57 -22.56 -14.00 30.60
CA TYR G 57 -23.05 -13.32 29.37
C TYR G 57 -22.12 -13.59 28.18
N SER G 58 -22.73 -13.78 27.00
CA SER G 58 -21.99 -13.95 25.76
C SER G 58 -22.61 -13.07 24.69
N ASN G 59 -21.80 -12.74 23.71
CA ASN G 59 -22.23 -11.88 22.60
C ASN G 59 -21.60 -12.36 21.32
N TYR G 60 -22.42 -12.46 20.28
CA TYR G 60 -22.05 -13.08 19.02
C TYR G 60 -22.12 -12.12 17.88
N ASN G 61 -21.22 -12.33 16.94
CA ASN G 61 -21.38 -11.80 15.61
C ASN G 61 -22.58 -12.51 14.94
N GLU G 62 -23.52 -11.76 14.32
CA GLU G 62 -24.71 -12.36 13.66
C GLU G 62 -24.31 -13.34 12.61
N LYS G 63 -23.16 -13.08 11.99
CA LYS G 63 -22.64 -13.97 10.97
C LYS G 63 -22.38 -15.34 11.59
N PHE G 64 -22.14 -15.38 12.91
CA PHE G 64 -21.87 -16.64 13.58
C PHE G 64 -23.01 -17.12 14.48
N LYS G 65 -24.13 -16.41 14.53
CA LYS G 65 -25.31 -16.95 15.23
C LYS G 65 -25.79 -18.22 14.52
N GLY G 66 -25.99 -19.28 15.30
CA GLY G 66 -26.37 -20.57 14.74
C GLY G 66 -25.20 -21.40 14.22
N LYS G 67 -24.00 -20.81 14.19
CA LYS G 67 -22.76 -21.50 13.82
C LYS G 67 -21.93 -21.77 15.08
N ALA G 68 -21.64 -20.71 15.83
CA ALA G 68 -20.78 -20.82 17.00
C ALA G 68 -21.57 -20.73 18.28
N THR G 69 -21.22 -21.58 19.24
CA THR G 69 -21.71 -21.49 20.63
C THR G 69 -20.54 -21.41 21.61
N LEU G 70 -20.54 -20.36 22.44
CA LEU G 70 -19.50 -20.14 23.43
C LEU G 70 -19.99 -20.52 24.80
N THR G 71 -19.16 -21.26 25.54
CA THR G 71 -19.41 -21.64 26.93
C THR G 71 -18.12 -21.55 27.76
N ALA G 72 -18.21 -21.71 29.07
CA ALA G 72 -17.05 -21.69 29.94
C ALA G 72 -17.35 -22.52 31.17
N ASP G 73 -16.28 -23.08 31.75
CA ASP G 73 -16.32 -23.89 32.93
C ASP G 73 -15.35 -23.33 33.94
N THR G 74 -15.86 -22.64 34.95
CA THR G 74 -14.98 -22.00 35.92
C THR G 74 -14.21 -23.00 36.77
N SER G 75 -14.79 -24.17 37.03
CA SER G 75 -14.07 -25.21 37.80
C SER G 75 -12.77 -25.73 37.15
N SER G 76 -12.65 -25.61 35.83
CA SER G 76 -11.43 -26.02 35.12
C SER G 76 -10.78 -24.85 34.40
N SER G 77 -11.22 -23.62 34.67
CA SER G 77 -10.74 -22.41 33.97
C SER G 77 -10.63 -22.63 32.48
N THR G 78 -11.66 -23.23 31.90
CA THR G 78 -11.67 -23.56 30.46
C THR G 78 -12.85 -22.92 29.75
N ALA G 79 -12.56 -22.23 28.64
CA ALA G 79 -13.58 -21.74 27.72
C ALA G 79 -13.70 -22.71 26.55
N TYR G 80 -14.90 -22.80 25.99
CA TYR G 80 -15.18 -23.69 24.85
C TYR G 80 -15.90 -22.98 23.72
N MET G 81 -15.66 -23.44 22.50
CA MET G 81 -16.43 -23.02 21.35
C MET G 81 -16.85 -24.25 20.57
N GLN G 82 -18.15 -24.32 20.30
CA GLN G 82 -18.73 -25.33 19.41
C GLN G 82 -19.03 -24.69 18.07
N LEU G 83 -18.65 -25.35 16.98
CA LEU G 83 -19.03 -24.90 15.61
C LEU G 83 -19.82 -26.04 15.01
N SER G 84 -20.96 -25.74 14.43
CA SER G 84 -21.77 -26.81 13.85
C SER G 84 -21.93 -26.61 12.36
N SER G 85 -22.43 -27.63 11.69
CA SER G 85 -22.73 -27.57 10.27
C SER G 85 -21.55 -27.10 9.45
N LEU G 86 -20.41 -27.71 9.69
CA LEU G 86 -19.15 -27.23 9.12
C LEU G 86 -19.10 -27.43 7.59
N THR G 87 -18.79 -26.35 6.88
CA THR G 87 -18.59 -26.36 5.44
C THR G 87 -17.17 -25.84 5.17
N SER G 88 -16.74 -25.92 3.92
CA SER G 88 -15.39 -25.45 3.57
C SER G 88 -15.16 -23.97 3.91
N GLU G 89 -16.22 -23.16 3.94
CA GLU G 89 -16.17 -21.78 4.47
C GLU G 89 -15.61 -21.67 5.93
N ASP G 90 -15.67 -22.77 6.68
CA ASP G 90 -15.30 -22.80 8.11
C ASP G 90 -13.90 -23.37 8.34
N SER G 91 -13.25 -23.79 7.25
CA SER G 91 -11.86 -24.25 7.34
C SER G 91 -10.98 -23.06 7.71
N ALA G 92 -10.33 -23.16 8.87
CA ALA G 92 -9.66 -22.00 9.48
C ALA G 92 -8.88 -22.38 10.72
N ILE G 93 -8.05 -21.47 11.18
CA ILE G 93 -7.48 -21.57 12.53
C ILE G 93 -8.32 -20.69 13.46
N TYR G 94 -8.70 -21.24 14.61
CA TYR G 94 -9.55 -20.56 15.56
C TYR G 94 -8.80 -20.27 16.83
N TYR G 95 -8.81 -19.01 17.26
CA TYR G 95 -8.08 -18.56 18.43
C TYR G 95 -9.01 -18.10 19.50
N CYS G 96 -8.61 -18.37 20.74
CA CYS G 96 -9.14 -17.64 21.87
C CYS G 96 -8.13 -16.57 22.29
N ALA G 97 -8.66 -15.52 22.88
CA ALA G 97 -7.85 -14.42 23.37
C ALA G 97 -8.51 -13.80 24.62
N ARG G 98 -7.67 -13.46 25.58
CA ARG G 98 -8.16 -12.77 26.76
C ARG G 98 -8.29 -11.25 26.50
N ASP G 99 -9.46 -10.70 26.78
CA ASP G 99 -9.83 -9.28 26.64
C ASP G 99 -9.58 -8.46 27.88
N TYR G 100 -8.63 -7.56 27.83
CA TYR G 100 -8.27 -6.75 28.98
C TYR G 100 -8.66 -5.30 28.78
N TYR G 101 -9.79 -4.91 29.31
CA TYR G 101 -10.21 -3.50 29.17
C TYR G 101 -10.19 -3.01 27.69
N THR G 102 -10.55 -3.91 26.77
CA THR G 102 -10.61 -3.73 25.30
C THR G 102 -9.38 -4.19 24.48
N ASN G 103 -8.26 -4.55 25.13
CA ASN G 103 -7.12 -5.09 24.45
C ASN G 103 -7.10 -6.61 24.38
N TYR G 104 -6.84 -7.18 23.22
CA TYR G 104 -6.55 -8.62 23.07
C TYR G 104 -5.04 -8.93 23.07
N GLY G 105 -4.41 -9.01 24.22
CA GLY G 105 -3.01 -9.29 24.37
C GLY G 105 -2.45 -10.70 24.52
N ASP G 106 -3.26 -11.55 25.15
CA ASP G 106 -2.89 -12.94 25.34
C ASP G 106 -3.75 -13.76 24.42
N TRP G 107 -3.10 -14.63 23.67
CA TRP G 107 -3.74 -15.45 22.68
C TRP G 107 -3.40 -16.90 22.87
N GLY G 108 -4.37 -17.77 22.62
CA GLY G 108 -4.03 -19.16 22.49
C GLY G 108 -3.20 -19.44 21.25
N GLN G 109 -2.71 -20.67 21.08
CA GLN G 109 -1.85 -21.06 19.93
C GLN G 109 -2.67 -21.36 18.68
N GLY G 110 -4.00 -21.44 18.86
CA GLY G 110 -4.89 -21.70 17.76
C GLY G 110 -5.22 -23.17 17.58
N THR G 111 -6.47 -23.44 17.18
CA THR G 111 -6.94 -24.78 16.83
C THR G 111 -7.30 -24.76 15.37
N SER G 112 -6.63 -25.63 14.60
CA SER G 112 -6.93 -25.75 13.18
C SER G 112 -8.18 -26.62 12.98
N VAL G 113 -9.12 -26.13 12.19
CA VAL G 113 -10.24 -26.92 11.70
C VAL G 113 -10.18 -26.87 10.17
N THR G 114 -10.07 -28.04 9.55
CA THR G 114 -10.16 -28.13 8.10
C THR G 114 -11.31 -29.07 7.77
N VAL G 115 -12.12 -28.68 6.80
CA VAL G 115 -13.30 -29.45 6.43
C VAL G 115 -12.97 -30.01 5.06
N SER G 116 -12.91 -31.34 4.97
CA SER G 116 -12.43 -32.03 3.77
C SER G 116 -13.37 -31.85 2.57
N ASP G 139 -22.88 -3.33 10.09
CA ASP G 139 -21.55 -3.52 10.70
C ASP G 139 -20.52 -2.50 10.25
N ILE G 140 -19.57 -2.21 11.13
CA ILE G 140 -18.44 -1.41 10.75
C ILE G 140 -17.48 -2.19 9.79
N VAL G 141 -17.22 -1.59 8.63
CA VAL G 141 -16.31 -2.22 7.67
C VAL G 141 -14.95 -1.60 7.81
N MET G 142 -13.93 -2.46 8.04
CA MET G 142 -12.50 -2.05 8.20
C MET G 142 -11.78 -2.45 6.90
N THR G 143 -11.05 -1.52 6.30
CA THR G 143 -10.34 -1.74 5.04
C THR G 143 -8.87 -1.34 5.16
N GLN G 144 -8.00 -2.07 4.49
CA GLN G 144 -6.58 -1.75 4.44
C GLN G 144 -6.23 -1.71 2.97
N ALA G 145 -5.91 -0.51 2.48
CA ALA G 145 -5.77 -0.26 1.06
C ALA G 145 -4.66 -1.10 0.43
N ALA G 146 -3.56 -1.31 1.15
CA ALA G 146 -2.42 -2.00 0.57
C ALA G 146 -2.40 -3.49 0.99
N PRO G 147 -2.48 -4.41 0.06
CA PRO G 147 -2.34 -5.82 0.43
C PRO G 147 -0.96 -6.16 0.98
N SER G 148 0.07 -5.43 0.54
CA SER G 148 1.41 -5.71 0.96
C SER G 148 2.29 -4.47 0.95
N VAL G 149 3.40 -4.56 1.66
CA VAL G 149 4.46 -3.57 1.61
C VAL G 149 5.77 -4.34 1.50
N SER G 150 6.67 -3.80 0.68
CA SER G 150 7.97 -4.42 0.42
CA SER G 150 7.95 -4.44 0.45
C SER G 150 8.99 -3.41 0.90
N VAL G 151 9.84 -3.79 1.85
CA VAL G 151 10.69 -2.87 2.57
C VAL G 151 12.13 -3.39 2.62
N THR G 152 13.11 -2.49 2.47
CA THR G 152 14.53 -2.77 2.78
C THR G 152 14.76 -2.81 4.27
N PRO G 153 15.49 -3.83 4.78
CA PRO G 153 15.72 -3.90 6.26
C PRO G 153 16.34 -2.60 6.82
N GLY G 154 15.82 -2.08 7.95
CA GLY G 154 16.33 -0.85 8.59
C GLY G 154 15.65 0.43 8.09
N GLU G 155 14.87 0.29 7.00
CA GLU G 155 14.03 1.39 6.55
C GLU G 155 12.76 1.35 7.34
N SER G 156 12.00 2.41 7.26
CA SER G 156 10.73 2.53 7.89
C SER G 156 9.70 2.26 6.82
N VAL G 157 8.52 1.89 7.26
CA VAL G 157 7.34 1.77 6.43
C VAL G 157 6.09 2.18 7.20
N SER G 158 5.07 2.62 6.49
CA SER G 158 3.75 2.93 7.03
C SER G 158 2.69 2.06 6.41
N ILE G 159 1.72 1.64 7.23
CA ILE G 159 0.61 0.80 6.80
C ILE G 159 -0.69 1.52 7.15
N SER G 160 -1.57 1.64 6.16
CA SER G 160 -2.84 2.35 6.41
C SER G 160 -4.09 1.43 6.58
N CYS G 161 -5.14 2.01 7.15
CA CYS G 161 -6.40 1.36 7.41
C CYS G 161 -7.52 2.41 7.50
N ARG G 162 -8.72 2.04 7.07
CA ARG G 162 -9.90 2.87 7.18
C ARG G 162 -11.09 2.12 7.79
N SER G 163 -12.01 2.87 8.39
CA SER G 163 -13.27 2.32 8.94
C SER G 163 -14.45 3.06 8.29
N SER G 164 -15.57 2.36 8.13
CA SER G 164 -16.77 2.90 7.45
C SER G 164 -17.57 3.81 8.35
N LYS G 165 -17.19 3.81 9.62
CA LYS G 165 -17.80 4.67 10.58
C LYS G 165 -16.70 5.22 11.50
N SER G 166 -16.92 6.34 12.16
CA SER G 166 -15.90 6.85 13.06
C SER G 166 -15.74 5.88 14.20
N LEU G 167 -14.45 5.63 14.54
CA LEU G 167 -14.14 4.80 15.74
C LEU G 167 -13.92 5.63 17.00
N LEU G 168 -14.16 6.91 16.88
CA LEU G 168 -14.07 7.86 18.00
C LEU G 168 -15.35 7.81 18.88
N HIS G 169 -15.15 7.39 20.12
CA HIS G 169 -16.20 7.24 21.11
C HIS G 169 -16.41 8.56 21.83
N ARG G 170 -17.61 8.79 22.36
CA ARG G 170 -17.82 10.00 23.13
C ARG G 170 -16.94 10.11 24.41
N ASN G 171 -16.16 9.08 24.76
CA ASN G 171 -15.29 9.18 25.93
C ASN G 171 -13.94 9.78 25.63
N GLY G 172 -13.59 9.77 24.34
CA GLY G 172 -12.45 10.49 23.81
C GLY G 172 -11.48 9.58 23.10
N ASN G 173 -11.55 8.28 23.42
CA ASN G 173 -10.60 7.32 22.83
C ASN G 173 -11.19 6.79 21.54
N THR G 174 -10.29 6.33 20.69
CA THR G 174 -10.67 5.84 19.39
C THR G 174 -10.34 4.38 19.47
N TYR G 175 -11.35 3.53 19.24
CA TYR G 175 -11.20 2.09 19.48
C TYR G 175 -10.66 1.31 18.30
N LEU G 176 -9.49 1.78 17.81
CA LEU G 176 -8.77 1.17 16.72
C LEU G 176 -7.53 0.47 17.30
N PHE G 177 -7.25 -0.73 16.79
CA PHE G 177 -6.13 -1.55 17.26
C PHE G 177 -5.34 -2.16 16.07
N TRP G 178 -4.09 -2.43 16.30
CA TRP G 178 -3.16 -3.06 15.30
C TRP G 178 -2.45 -4.35 15.85
N PHE G 179 -2.38 -5.41 15.06
CA PHE G 179 -1.70 -6.69 15.37
C PHE G 179 -0.75 -7.15 14.26
N LEU G 180 0.24 -7.95 14.60
CA LEU G 180 1.11 -8.64 13.66
C LEU G 180 0.88 -10.12 13.83
N GLN G 181 0.63 -10.81 12.72
CA GLN G 181 0.61 -12.27 12.74
C GLN G 181 1.77 -12.74 11.89
N ARG G 182 2.81 -13.21 12.56
CA ARG G 182 3.94 -13.81 11.91
C ARG G 182 3.56 -15.21 11.40
N PRO G 183 4.27 -15.70 10.39
CA PRO G 183 3.89 -17.01 9.83
C PRO G 183 3.85 -18.14 10.88
N GLY G 184 2.73 -18.87 10.95
CA GLY G 184 2.59 -20.00 11.89
C GLY G 184 2.33 -19.61 13.35
N GLN G 185 2.15 -18.32 13.62
CA GLN G 185 2.04 -17.83 14.99
C GLN G 185 0.69 -17.22 15.21
N SER G 186 0.30 -17.11 16.46
CA SER G 186 -0.89 -16.36 16.82
CA SER G 186 -0.89 -16.37 16.82
C SER G 186 -0.67 -14.86 16.60
N PRO G 187 -1.76 -14.13 16.41
CA PRO G 187 -1.61 -12.68 16.32
C PRO G 187 -0.96 -12.12 17.60
N GLN G 188 -0.15 -11.08 17.45
CA GLN G 188 0.42 -10.27 18.58
C GLN G 188 -0.14 -8.84 18.52
N LEU G 189 -0.67 -8.33 19.63
CA LEU G 189 -1.17 -6.93 19.69
C LEU G 189 -0.03 -5.95 19.73
N LEU G 190 -0.11 -4.90 18.92
CA LEU G 190 0.93 -3.87 18.81
C LEU G 190 0.43 -2.53 19.32
N ILE G 191 -0.76 -2.06 18.91
CA ILE G 191 -1.21 -0.70 19.24
C ILE G 191 -2.65 -0.78 19.71
N TYR G 192 -2.98 -0.13 20.83
CA TYR G 192 -4.35 -0.01 21.35
C TYR G 192 -4.86 1.42 21.39
N ARG G 193 -6.15 1.56 21.11
CA ARG G 193 -6.85 2.88 20.98
C ARG G 193 -6.06 3.87 20.17
N MET G 194 -5.74 3.39 18.98
CA MET G 194 -5.20 4.16 17.85
CA MET G 194 -5.23 4.16 17.85
C MET G 194 -3.73 4.51 17.98
N SER G 195 -3.27 4.83 19.19
CA SER G 195 -1.90 5.43 19.30
C SER G 195 -0.99 4.96 20.44
N ASN G 196 -1.45 3.98 21.16
CA ASN G 196 -0.78 3.60 22.40
C ASN G 196 -0.08 2.31 22.21
N LEU G 197 1.15 2.27 22.66
CA LEU G 197 1.91 1.04 22.51
C LEU G 197 1.50 -0.02 23.50
N ALA G 198 1.27 -1.25 23.01
CA ALA G 198 0.97 -2.38 23.89
C ALA G 198 2.21 -2.93 24.58
N SER G 199 1.97 -3.47 25.79
CA SER G 199 3.07 -3.95 26.61
C SER G 199 3.83 -5.08 25.90
N GLY G 200 5.16 -5.12 26.12
CA GLY G 200 6.03 -6.15 25.52
C GLY G 200 6.47 -5.81 24.08
N VAL G 201 5.88 -4.78 23.48
CA VAL G 201 6.13 -4.51 22.05
C VAL G 201 7.23 -3.46 21.98
N PRO G 202 8.29 -3.71 21.16
CA PRO G 202 9.36 -2.71 21.00
C PRO G 202 8.86 -1.36 20.49
N ASP G 203 9.57 -0.31 20.89
CA ASP G 203 9.29 1.08 20.50
C ASP G 203 9.81 1.33 19.09
N ARG G 204 9.26 0.59 18.17
CA ARG G 204 9.44 0.94 16.80
C ARG G 204 8.12 1.05 16.13
N PHE G 205 7.04 0.79 16.87
CA PHE G 205 5.75 0.87 16.29
C PHE G 205 5.05 2.07 16.84
N SER G 206 4.27 2.73 15.99
CA SER G 206 3.45 3.81 16.47
C SER G 206 2.25 3.92 15.62
N GLY G 207 1.28 4.64 16.08
CA GLY G 207 0.04 4.75 15.39
C GLY G 207 -0.49 6.15 15.43
N SER G 208 -1.30 6.48 14.46
CA SER G 208 -1.88 7.82 14.36
C SER G 208 -3.15 7.63 13.56
N GLY G 209 -3.99 8.65 13.59
CA GLY G 209 -5.19 8.63 12.79
C GLY G 209 -6.15 9.74 13.20
N SER G 210 -7.22 9.81 12.40
CA SER G 210 -8.38 10.65 12.62
C SER G 210 -9.51 9.72 13.09
N GLY G 211 -10.75 10.11 12.85
CA GLY G 211 -11.92 9.27 13.16
C GLY G 211 -12.08 8.01 12.33
N THR G 212 -11.64 8.07 11.07
CA THR G 212 -11.94 6.99 10.08
C THR G 212 -10.74 6.50 9.29
N ALA G 213 -9.54 7.01 9.59
CA ALA G 213 -8.36 6.76 8.78
C ALA G 213 -7.18 6.74 9.72
N PHE G 214 -6.38 5.68 9.58
CA PHE G 214 -5.34 5.35 10.56
C PHE G 214 -4.09 4.84 9.82
N THR G 215 -2.93 4.95 10.48
CA THR G 215 -1.71 4.62 9.91
C THR G 215 -0.85 4.05 11.01
N LEU G 216 -0.35 2.83 10.81
CA LEU G 216 0.71 2.24 11.60
C LEU G 216 2.04 2.48 10.97
N ARG G 217 3.01 2.89 11.77
CA ARG G 217 4.32 3.20 11.25
C ARG G 217 5.25 2.28 11.95
N ILE G 218 6.19 1.67 11.20
CA ILE G 218 7.22 0.75 11.70
C ILE G 218 8.59 1.26 11.35
N SER G 219 9.39 1.59 12.36
CA SER G 219 10.74 2.02 12.05
C SER G 219 11.68 0.90 12.17
N ARG G 220 12.80 1.04 11.46
CA ARG G 220 13.90 0.09 11.42
C ARG G 220 13.45 -1.37 11.30
N VAL G 221 12.81 -1.65 10.16
CA VAL G 221 12.20 -2.96 9.87
C VAL G 221 13.23 -4.10 9.85
N GLU G 222 12.89 -5.17 10.57
CA GLU G 222 13.76 -6.33 10.68
C GLU G 222 13.02 -7.63 10.31
N ALA G 223 13.77 -8.73 10.19
CA ALA G 223 13.18 -10.01 9.78
C ALA G 223 12.00 -10.45 10.66
N GLU G 224 12.03 -10.11 11.96
CA GLU G 224 10.96 -10.51 12.88
C GLU G 224 9.65 -9.76 12.67
N ASP G 225 9.73 -8.72 11.83
CA ASP G 225 8.56 -7.91 11.49
C ASP G 225 7.83 -8.51 10.28
N VAL G 226 8.41 -9.53 9.62
CA VAL G 226 7.75 -10.18 8.47
C VAL G 226 6.48 -10.89 8.94
N GLY G 227 5.39 -10.65 8.22
CA GLY G 227 4.08 -11.19 8.57
C GLY G 227 2.97 -10.31 8.11
N VAL G 228 1.77 -10.52 8.62
CA VAL G 228 0.61 -9.74 8.20
C VAL G 228 0.18 -8.84 9.34
N TYR G 229 0.04 -7.56 9.01
CA TYR G 229 -0.45 -6.53 9.93
C TYR G 229 -1.93 -6.27 9.75
N TYR G 230 -2.68 -6.30 10.87
CA TYR G 230 -4.13 -6.08 10.84
C TYR G 230 -4.51 -4.95 11.75
N CYS G 231 -5.43 -4.13 11.23
CA CYS G 231 -6.21 -3.14 11.98
C CYS G 231 -7.50 -3.90 12.53
N MET G 232 -8.08 -3.40 13.62
CA MET G 232 -9.28 -3.96 14.21
C MET G 232 -10.13 -2.93 14.97
N GLN G 233 -11.45 -2.95 14.88
CA GLN G 233 -12.24 -2.07 15.73
C GLN G 233 -12.83 -2.83 16.88
N HIS G 234 -12.78 -2.22 18.05
CA HIS G 234 -13.38 -2.76 19.28
C HIS G 234 -14.40 -1.76 19.83
N LEU G 235 -15.02 -0.98 18.95
CA LEU G 235 -16.02 -0.05 19.38
C LEU G 235 -17.35 -0.71 19.59
N GLU G 236 -17.83 -1.42 18.59
CA GLU G 236 -19.20 -1.94 18.53
C GLU G 236 -19.20 -3.35 17.99
N TYR G 237 -20.01 -4.19 18.59
CA TYR G 237 -20.20 -5.53 18.12
C TYR G 237 -20.92 -5.45 16.76
N PRO G 238 -20.54 -6.29 15.80
CA PRO G 238 -19.44 -7.28 15.97
C PRO G 238 -18.09 -6.59 15.77
N TYR G 239 -17.07 -6.93 16.56
CA TYR G 239 -15.75 -6.40 16.33
C TYR G 239 -15.19 -6.86 15.02
N THR G 240 -14.57 -5.91 14.32
CA THR G 240 -14.05 -6.18 13.00
C THR G 240 -12.55 -5.68 12.82
N PHE G 241 -12.02 -6.44 11.84
CA PHE G 241 -10.65 -6.35 11.37
C PHE G 241 -10.59 -5.88 9.90
N GLY G 242 -9.50 -5.20 9.61
CA GLY G 242 -9.15 -4.92 8.21
C GLY G 242 -8.64 -6.15 7.47
N SER G 243 -8.34 -6.01 6.19
CA SER G 243 -8.06 -7.16 5.36
C SER G 243 -6.59 -7.63 5.50
N GLY G 244 -5.78 -6.84 6.21
CA GLY G 244 -4.37 -7.15 6.40
C GLY G 244 -3.41 -6.63 5.36
N THR G 245 -2.22 -6.25 5.81
CA THR G 245 -1.14 -5.82 4.94
C THR G 245 0.08 -6.70 5.24
N LYS G 246 0.52 -7.46 4.24
CA LYS G 246 1.66 -8.35 4.40
C LYS G 246 2.96 -7.59 4.20
N LEU G 247 3.86 -7.66 5.15
CA LEU G 247 5.15 -7.06 5.05
C LEU G 247 6.14 -8.11 4.57
N GLU G 248 6.86 -7.76 3.51
CA GLU G 248 7.91 -8.58 2.93
C GLU G 248 9.22 -7.77 2.90
N LEU G 249 10.35 -8.46 3.07
CA LEU G 249 11.65 -7.85 2.86
C LEU G 249 12.03 -7.93 1.38
N ASN H 3 -17.24 -4.51 32.77
CA ASN H 3 -18.72 -4.65 32.58
C ASN H 3 -19.10 -6.11 32.33
N TYR H 4 -20.23 -6.53 32.89
CA TYR H 4 -20.61 -7.94 32.90
C TYR H 4 -21.47 -8.34 31.68
N TYR H 5 -22.02 -7.37 30.97
CA TYR H 5 -23.04 -7.62 29.91
C TYR H 5 -22.48 -7.45 28.46
N ALA H 6 -21.49 -6.60 28.33
CA ALA H 6 -20.76 -6.42 27.07
C ALA H 6 -19.31 -6.02 27.34
N SER H 7 -18.39 -6.43 26.46
CA SER H 7 -17.01 -6.02 26.54
C SER H 7 -16.83 -4.62 25.88
N GLU H 8 -17.86 -4.12 25.13
CA GLU H 8 -17.87 -2.81 24.39
C GLU H 8 -17.57 -1.71 25.39
N PRO H 9 -16.66 -0.80 25.05
CA PRO H 9 -15.98 0.06 26.03
C PRO H 9 -16.78 1.20 26.61
S SO4 I . -3.17 24.22 33.97
O1 SO4 I . -3.52 22.92 34.60
O2 SO4 I . -4.38 25.06 34.02
O3 SO4 I . -2.77 24.02 32.55
O4 SO4 I . -2.07 24.83 34.76
S SO4 J . 17.63 34.37 10.25
O1 SO4 J . 16.26 34.78 9.86
O2 SO4 J . 17.99 33.04 9.79
O3 SO4 J . 17.92 34.58 11.68
O4 SO4 J . 18.62 35.28 9.56
S SO4 K . 7.56 26.09 -28.43
O1 SO4 K . 7.64 24.63 -28.70
O2 SO4 K . 6.26 26.70 -28.79
O3 SO4 K . 8.47 26.72 -29.44
O4 SO4 K . 8.16 26.50 -27.14
S SO4 L . 24.45 15.18 -1.25
O1 SO4 L . 23.74 15.17 -2.53
O2 SO4 L . 23.67 14.26 -0.37
O3 SO4 L . 25.82 14.65 -1.45
O4 SO4 L . 24.54 16.55 -0.62
S SO4 M . 6.37 4.67 3.78
O1 SO4 M . 5.55 3.44 3.78
O2 SO4 M . 6.98 4.96 5.10
O3 SO4 M . 7.42 4.50 2.72
O4 SO4 M . 5.46 5.79 3.41
S SO4 N . 3.46 -2.26 -31.06
O1 SO4 N . 3.23 -3.46 -31.97
O2 SO4 N . 3.46 -2.65 -29.65
O3 SO4 N . 4.71 -1.58 -31.47
O4 SO4 N . 2.43 -1.23 -31.23
S SO4 O . -24.71 -26.77 -38.38
O1 SO4 O . -24.57 -27.87 -39.35
O2 SO4 O . -25.81 -27.11 -37.42
O3 SO4 O . -23.44 -26.69 -37.60
O4 SO4 O . -25.09 -25.50 -39.04
S SO4 P . -22.51 -11.17 -0.93
O1 SO4 P . -22.41 -12.41 -1.71
O2 SO4 P . -23.65 -11.28 0.05
O3 SO4 P . -21.26 -10.94 -0.18
O4 SO4 P . -22.82 -9.99 -1.75
#